data_9R2J
#
_entry.id   9R2J
#
_cell.length_a   132.342
_cell.length_b   223.925
_cell.length_c   86.853
_cell.angle_alpha   90.000
_cell.angle_beta   90.000
_cell.angle_gamma   90.000
#
_symmetry.space_group_name_H-M   'C 2 2 2'
#
loop_
_entity.id
_entity.type
_entity.pdbx_description
1 polymer 'Amine oxidase [flavin-containing] B'
2 non-polymer 'FLAVIN-ADENINE DINUCLEOTIDE'
3 non-polymer N-DODECYL-N,N-DIMETHYL-3-AMMONIO-1-PROPANESULFONATE
4 non-polymer (~{E})-3-(4-nitrophenyl)-1-[3-(trifluoromethyl)phenyl]prop-2-en-1-one
5 water water
#
_entity_poly.entity_id   1
_entity_poly.type   'polypeptide(L)'
_entity_poly.pdbx_seq_one_letter_code
;SNKCDVVVVGGGISGMAAAKLLHDSGLNVVVLEARDRVGGRTYTLRNQKVKYVDLGGSYVGPTQNRILRLAKELGLETYK
VNEVERLIHHVKGKSYPFRGPFPPVWNPITYLDHNNFWRTMDDMGREIPSDAPWKAPLAEEWDNMTMKELLDKLCWTESA
KQLATLFVNLCVTAETHEVSALWFLWYVKQCGGTTRIISTTNGGQERKFVGGSGQVSERIMDLLGDRVKLERPVIYIDQT
RENVLVETLNHEMYEAKYVISAIPPTLGMKIHFNPPLPMMRNQMITRVPLGSVIKCIVYYKEPFWRKKDYCGTMIIDGEE
APVAYTLDDTKPEGNYAAIMGFILAHKARKLARLTKEERLKKLCELYAKVLGSLEALEPVHYEEKNWCEEQYSGGCYTTY
FPPGILTQYGRVLRQPVDRIYFAGTETATHWSGYMEGAVEAGERAAREILHAMGKIPEDEIWQSEPESVDVPAQPITTTF
LERHLPSVPGLLRLIGLTTIFSATALGFLAHKRGLLVRV
;
_entity_poly.pdbx_strand_id   AAA,BBB
#
loop_
_chem_comp.id
_chem_comp.type
_chem_comp.name
_chem_comp.formula
A1JCO non-polymer (~{E})-3-(4-nitrophenyl)-1-[3-(trifluoromethyl)phenyl]prop-2-en-1-one 'C16 H10 F3 N O3'
C15 non-polymer N-DODECYL-N,N-DIMETHYL-3-AMMONIO-1-PROPANESULFONATE 'C17 H38 N O3 S 1'
FAD non-polymer 'FLAVIN-ADENINE DINUCLEOTIDE' 'C27 H33 N9 O15 P2'
#
# COMPACT_ATOMS: atom_id res chain seq x y z
N SER A 1 0.79 -34.16 -13.77
CA SER A 1 1.60 -32.92 -13.66
C SER A 1 2.80 -32.96 -14.62
N ASN A 2 3.16 -31.79 -15.15
CA ASN A 2 4.39 -31.55 -15.96
C ASN A 2 5.55 -31.35 -14.96
N LYS A 3 6.60 -32.17 -15.03
CA LYS A 3 7.71 -32.24 -14.05
C LYS A 3 8.92 -31.50 -14.60
N CYS A 4 9.59 -30.71 -13.77
CA CYS A 4 10.86 -30.02 -14.11
C CYS A 4 11.65 -29.80 -12.84
N ASP A 5 12.86 -29.23 -12.98
CA ASP A 5 13.72 -28.83 -11.86
C ASP A 5 13.20 -27.52 -11.25
N VAL A 6 12.93 -26.51 -12.09
CA VAL A 6 12.57 -25.15 -11.57
C VAL A 6 11.41 -24.56 -12.38
N VAL A 7 10.36 -24.10 -11.68
CA VAL A 7 9.31 -23.29 -12.31
C VAL A 7 9.65 -21.82 -12.05
N VAL A 8 9.66 -21.02 -13.12
CA VAL A 8 9.84 -19.55 -13.05
C VAL A 8 8.47 -18.94 -13.29
N VAL A 9 7.96 -18.18 -12.33
CA VAL A 9 6.66 -17.49 -12.45
C VAL A 9 6.96 -16.09 -12.99
N GLY A 10 6.58 -15.86 -14.24
CA GLY A 10 6.78 -14.54 -14.88
C GLY A 10 7.85 -14.61 -15.95
N GLY A 11 7.51 -14.13 -17.14
CA GLY A 11 8.34 -14.07 -18.34
C GLY A 11 8.69 -12.64 -18.73
N GLY A 12 8.94 -11.76 -17.75
CA GLY A 12 9.63 -10.48 -18.01
C GLY A 12 11.14 -10.74 -18.12
N ILE A 13 11.95 -9.69 -18.23
CA ILE A 13 13.42 -9.80 -18.30
C ILE A 13 13.99 -10.56 -17.11
N SER A 14 13.46 -10.32 -15.90
CA SER A 14 13.99 -11.02 -14.72
C SER A 14 13.77 -12.53 -14.80
N GLY A 15 12.55 -12.98 -15.05
CA GLY A 15 12.23 -14.42 -15.15
C GLY A 15 13.00 -15.03 -16.34
N MET A 16 13.06 -14.34 -17.46
CA MET A 16 13.76 -14.88 -18.65
C MET A 16 15.26 -14.94 -18.36
N ALA A 17 15.88 -13.97 -17.69
CA ALA A 17 17.33 -14.06 -17.35
C ALA A 17 17.56 -15.24 -16.40
N ALA A 18 16.69 -15.43 -15.42
CA ALA A 18 16.78 -16.56 -14.46
C ALA A 18 16.72 -17.89 -15.25
N ALA A 19 15.70 -18.03 -16.10
CA ALA A 19 15.44 -19.27 -16.83
C ALA A 19 16.65 -19.58 -17.73
N LYS A 20 17.18 -18.57 -18.41
CA LYS A 20 18.33 -18.78 -19.33
C LYS A 20 19.54 -19.30 -18.54
N LEU A 21 19.85 -18.66 -17.40
CA LEU A 21 21.02 -19.07 -16.58
C LEU A 21 20.83 -20.55 -16.17
N LEU A 22 19.65 -20.90 -15.65
CA LEU A 22 19.37 -22.28 -15.18
C LEU A 22 19.47 -23.28 -16.36
N HIS A 23 18.87 -22.95 -17.51
CA HIS A 23 18.89 -23.76 -18.75
C HIS A 23 20.35 -23.98 -19.15
N ASP A 24 21.16 -22.94 -19.13
CA ASP A 24 22.59 -22.99 -19.55
C ASP A 24 23.37 -23.85 -18.57
N SER A 25 22.94 -23.94 -17.30
CA SER A 25 23.60 -24.74 -16.24
CA SER A 25 23.59 -24.75 -16.23
C SER A 25 23.19 -26.24 -16.36
N GLY A 26 22.30 -26.57 -17.27
CA GLY A 26 21.87 -27.97 -17.53
C GLY A 26 20.59 -28.36 -16.81
N LEU A 27 19.84 -27.45 -16.19
CA LEU A 27 18.55 -27.81 -15.52
C LEU A 27 17.37 -27.69 -16.49
N ASN A 28 16.31 -28.42 -16.16
CA ASN A 28 15.00 -28.42 -16.86
C ASN A 28 14.14 -27.33 -16.22
N VAL A 29 13.88 -26.29 -16.99
CA VAL A 29 13.13 -25.11 -16.48
C VAL A 29 11.85 -24.99 -17.28
N VAL A 30 10.83 -24.44 -16.63
CA VAL A 30 9.57 -24.00 -17.28
C VAL A 30 9.32 -22.57 -16.85
N VAL A 31 8.86 -21.73 -17.77
CA VAL A 31 8.45 -20.32 -17.51
C VAL A 31 6.93 -20.24 -17.65
N LEU A 32 6.22 -19.90 -16.58
CA LEU A 32 4.76 -19.73 -16.64
C LEU A 32 4.43 -18.24 -16.74
N GLU A 33 3.92 -17.79 -17.88
CA GLU A 33 3.68 -16.35 -18.13
C GLU A 33 2.17 -16.12 -18.25
N ALA A 34 1.62 -15.13 -17.53
CA ALA A 34 0.18 -14.81 -17.51
C ALA A 34 -0.31 -14.32 -18.89
N ARG A 35 0.45 -13.47 -19.56
CA ARG A 35 0.00 -12.81 -20.79
C ARG A 35 0.20 -13.70 -22.03
N ASP A 36 -0.30 -13.23 -23.18
CA ASP A 36 -0.07 -13.89 -24.49
C ASP A 36 1.27 -13.50 -25.10
N ARG A 37 2.18 -12.90 -24.33
CA ARG A 37 3.52 -12.44 -24.81
C ARG A 37 4.48 -12.48 -23.64
N VAL A 38 5.78 -12.44 -23.94
CA VAL A 38 6.83 -12.23 -22.92
C VAL A 38 7.20 -10.73 -22.90
N GLY A 39 7.98 -10.31 -21.88
CA GLY A 39 8.54 -8.94 -21.78
C GLY A 39 7.99 -8.13 -20.59
N GLY A 40 6.74 -8.33 -20.19
CA GLY A 40 6.14 -7.70 -19.00
C GLY A 40 6.07 -6.20 -19.13
N ARG A 41 6.84 -5.50 -18.30
CA ARG A 41 6.89 -4.00 -18.31
C ARG A 41 7.74 -3.49 -19.49
N THR A 42 8.32 -4.37 -20.31
CA THR A 42 8.84 -3.96 -21.65
C THR A 42 7.83 -4.47 -22.69
N TYR A 43 7.60 -3.68 -23.74
CA TYR A 43 6.63 -4.00 -24.80
C TYR A 43 7.01 -3.16 -26.00
N THR A 44 7.45 -3.81 -27.05
CA THR A 44 7.80 -3.19 -28.34
C THR A 44 6.62 -3.42 -29.29
N LEU A 45 5.89 -2.37 -29.62
CA LEU A 45 4.83 -2.38 -30.65
C LEU A 45 5.45 -2.28 -32.05
N ARG A 46 5.01 -3.13 -32.99
CA ARG A 46 5.47 -3.01 -34.40
C ARG A 46 4.27 -2.76 -35.32
N ASN A 47 4.34 -1.73 -36.18
CA ASN A 47 3.34 -1.47 -37.25
C ASN A 47 4.02 -0.61 -38.29
N GLN A 48 3.35 -0.38 -39.40
CA GLN A 48 4.02 0.26 -40.57
C GLN A 48 4.24 1.74 -40.29
N LYS A 49 3.41 2.35 -39.46
CA LYS A 49 3.52 3.79 -39.19
C LYS A 49 4.74 4.11 -38.33
N VAL A 50 5.11 3.23 -37.39
CA VAL A 50 6.20 3.54 -36.41
C VAL A 50 7.44 2.69 -36.69
N LYS A 51 7.29 1.62 -37.46
CA LYS A 51 8.27 0.50 -37.61
C LYS A 51 8.35 -0.30 -36.29
N TYR A 52 8.91 0.28 -35.24
CA TYR A 52 8.91 -0.29 -33.87
C TYR A 52 8.87 0.86 -32.87
N VAL A 53 8.24 0.63 -31.72
CA VAL A 53 8.31 1.65 -30.63
C VAL A 53 8.20 0.95 -29.29
N ASP A 54 9.04 1.36 -28.34
CA ASP A 54 8.96 0.89 -26.96
C ASP A 54 7.83 1.66 -26.25
N LEU A 55 6.80 0.96 -25.80
CA LEU A 55 5.72 1.57 -24.97
C LEU A 55 5.97 1.35 -23.48
N GLY A 56 6.90 0.44 -23.11
CA GLY A 56 7.38 0.24 -21.73
C GLY A 56 8.82 0.65 -21.55
N GLY A 57 9.59 -0.09 -20.73
CA GLY A 57 11.02 0.22 -20.50
C GLY A 57 11.79 0.25 -21.81
N SER A 58 12.71 1.21 -21.94
CA SER A 58 13.41 1.52 -23.22
C SER A 58 14.90 1.84 -23.00
N TYR A 59 15.22 2.73 -22.09
CA TYR A 59 16.57 3.35 -22.00
C TYR A 59 17.51 2.47 -21.23
N VAL A 60 18.75 2.44 -21.69
CA VAL A 60 19.87 1.86 -20.95
C VAL A 60 21.04 2.83 -20.97
N GLY A 61 22.01 2.63 -20.07
CA GLY A 61 23.14 3.58 -20.03
C GLY A 61 24.33 3.05 -19.29
N PRO A 62 25.41 3.86 -19.22
CA PRO A 62 26.62 3.50 -18.50
C PRO A 62 26.36 3.06 -17.07
N THR A 63 27.11 2.05 -16.66
CA THR A 63 27.06 1.33 -15.36
C THR A 63 25.95 0.25 -15.34
N GLN A 64 25.13 0.14 -16.38
CA GLN A 64 24.10 -0.93 -16.48
C GLN A 64 24.70 -2.12 -17.25
N ASN A 65 25.74 -2.72 -16.69
CA ASN A 65 26.58 -3.67 -17.46
C ASN A 65 25.89 -5.02 -17.66
N ARG A 66 24.94 -5.43 -16.79
CA ARG A 66 24.32 -6.77 -16.94
C ARG A 66 23.35 -6.77 -18.11
N ILE A 67 22.48 -5.77 -18.19
CA ILE A 67 21.52 -5.71 -19.34
C ILE A 67 22.31 -5.52 -20.63
N LEU A 68 23.39 -4.74 -20.63
CA LEU A 68 24.17 -4.56 -21.87
C LEU A 68 24.82 -5.89 -22.30
N ARG A 69 25.31 -6.66 -21.33
CA ARG A 69 26.01 -7.94 -21.62
C ARG A 69 24.97 -8.94 -22.12
N LEU A 70 23.82 -9.04 -21.44
CA LEU A 70 22.75 -9.96 -21.87
C LEU A 70 22.31 -9.61 -23.30
N ALA A 71 21.96 -8.34 -23.54
CA ALA A 71 21.52 -7.89 -24.86
C ALA A 71 22.60 -8.20 -25.95
N LYS A 72 23.87 -7.95 -25.67
CA LYS A 72 24.96 -8.15 -26.67
C LYS A 72 25.05 -9.65 -27.01
N GLU A 73 24.92 -10.50 -26.03
CA GLU A 73 24.99 -11.99 -26.20
C GLU A 73 23.83 -12.47 -27.06
N LEU A 74 22.67 -11.79 -27.01
CA LEU A 74 21.50 -12.14 -27.84
C LEU A 74 21.55 -11.51 -29.21
N GLY A 75 22.60 -10.77 -29.56
CA GLY A 75 22.79 -10.17 -30.89
C GLY A 75 22.21 -8.78 -31.05
N LEU A 76 21.91 -8.07 -29.96
CA LEU A 76 21.30 -6.72 -30.01
C LEU A 76 22.39 -5.63 -29.99
N GLU A 77 22.06 -4.47 -30.54
CA GLU A 77 22.92 -3.28 -30.57
C GLU A 77 22.15 -2.09 -29.96
N THR A 78 22.87 -1.09 -29.46
CA THR A 78 22.30 0.17 -28.94
C THR A 78 22.57 1.32 -29.90
N TYR A 79 21.83 2.41 -29.73
CA TYR A 79 22.18 3.71 -30.34
C TYR A 79 21.92 4.81 -29.30
N LYS A 80 22.51 5.97 -29.51
CA LYS A 80 22.43 7.10 -28.56
C LYS A 80 21.16 7.91 -28.79
N VAL A 81 20.47 8.24 -27.70
CA VAL A 81 19.35 9.20 -27.68
C VAL A 81 19.89 10.55 -28.15
N ASN A 82 19.14 11.28 -28.95
CA ASN A 82 19.62 12.59 -29.45
C ASN A 82 19.81 13.60 -28.31
N GLU A 83 21.06 14.06 -28.09
CA GLU A 83 21.36 15.14 -27.12
C GLU A 83 22.33 16.13 -27.75
N VAL A 84 22.32 16.27 -29.08
CA VAL A 84 23.30 17.15 -29.78
C VAL A 84 22.96 18.63 -29.51
N GLU A 85 21.69 19.02 -29.62
CA GLU A 85 21.28 20.45 -29.50
C GLU A 85 20.85 20.77 -28.03
N ARG A 86 20.23 21.93 -27.79
CA ARG A 86 19.99 22.44 -26.43
C ARG A 86 18.78 21.74 -25.79
N LEU A 87 18.87 21.48 -24.49
CA LEU A 87 17.73 21.03 -23.66
C LEU A 87 16.85 22.26 -23.36
N ILE A 88 15.61 22.07 -22.96
CA ILE A 88 14.72 23.21 -22.55
C ILE A 88 14.20 22.99 -21.12
N HIS A 89 14.28 24.01 -20.27
CA HIS A 89 13.54 24.06 -18.98
C HIS A 89 12.40 25.07 -19.14
N HIS A 90 11.17 24.60 -19.02
CA HIS A 90 9.98 25.44 -19.15
C HIS A 90 9.39 25.66 -17.75
N VAL A 91 9.39 26.91 -17.31
CA VAL A 91 8.95 27.23 -15.93
C VAL A 91 8.23 28.59 -15.93
N LYS A 92 7.06 28.61 -15.28
CA LYS A 92 6.15 29.81 -15.24
C LYS A 92 5.85 30.30 -16.66
N GLY A 93 5.56 29.39 -17.56
CA GLY A 93 5.05 29.68 -18.90
C GLY A 93 6.10 30.16 -19.88
N LYS A 94 7.39 30.08 -19.59
CA LYS A 94 8.48 30.47 -20.52
C LYS A 94 9.53 29.38 -20.65
N SER A 95 10.15 29.29 -21.81
CA SER A 95 11.21 28.28 -22.09
C SER A 95 12.60 28.90 -21.95
N TYR A 96 13.50 28.20 -21.30
CA TYR A 96 14.93 28.57 -21.08
C TYR A 96 15.84 27.45 -21.59
N PRO A 97 16.45 27.62 -22.76
CA PRO A 97 17.36 26.61 -23.33
C PRO A 97 18.67 26.54 -22.54
N PHE A 98 19.24 25.35 -22.45
CA PHE A 98 20.50 25.15 -21.68
C PHE A 98 21.25 23.92 -22.19
N ARG A 99 22.48 23.77 -21.67
CA ARG A 99 23.37 22.60 -21.89
C ARG A 99 23.83 22.06 -20.52
N GLY A 100 24.14 20.77 -20.49
CA GLY A 100 24.64 20.10 -19.27
C GLY A 100 23.41 19.46 -18.66
N PRO A 101 23.57 18.56 -17.68
CA PRO A 101 22.43 17.78 -17.22
C PRO A 101 21.42 18.51 -16.33
N PHE A 102 21.87 19.50 -15.57
CA PHE A 102 21.01 20.26 -14.60
C PHE A 102 20.59 21.60 -15.20
N PRO A 103 19.29 21.96 -15.14
CA PRO A 103 18.86 23.29 -15.52
C PRO A 103 19.57 24.27 -14.59
N PRO A 104 20.20 25.28 -15.17
CA PRO A 104 20.92 26.28 -14.41
C PRO A 104 20.01 27.38 -13.83
N VAL A 105 20.56 28.03 -12.79
CA VAL A 105 19.86 29.13 -12.08
C VAL A 105 20.87 30.26 -11.97
N TRP A 106 20.42 31.51 -12.11
CA TRP A 106 21.34 32.67 -12.09
C TRP A 106 21.29 33.36 -10.72
N ASN A 107 20.12 33.42 -10.11
CA ASN A 107 19.95 34.13 -8.82
C ASN A 107 20.87 33.48 -7.78
N PRO A 108 21.82 34.23 -7.19
CA PRO A 108 22.79 33.66 -6.26
C PRO A 108 22.21 32.86 -5.07
N ILE A 109 21.17 33.35 -4.43
CA ILE A 109 20.51 32.63 -3.29
C ILE A 109 19.91 31.31 -3.82
N THR A 110 19.18 31.40 -4.93
CA THR A 110 18.57 30.24 -5.62
C THR A 110 19.68 29.27 -6.04
N TYR A 111 20.81 29.78 -6.50
CA TYR A 111 21.96 28.93 -6.90
C TYR A 111 22.42 28.13 -5.68
N LEU A 112 22.62 28.77 -4.52
CA LEU A 112 23.08 28.06 -3.30
C LEU A 112 22.03 26.98 -2.93
N ASP A 113 20.75 27.31 -3.01
CA ASP A 113 19.69 26.36 -2.57
C ASP A 113 19.68 25.14 -3.50
N HIS A 114 19.75 25.35 -4.81
CA HIS A 114 19.76 24.23 -5.81
C HIS A 114 21.02 23.37 -5.58
N ASN A 115 22.18 23.99 -5.49
CA ASN A 115 23.43 23.24 -5.29
C ASN A 115 23.31 22.39 -4.02
N ASN A 116 22.75 22.95 -2.94
CA ASN A 116 22.65 22.27 -1.63
C ASN A 116 21.65 21.11 -1.75
N PHE A 117 20.57 21.30 -2.50
CA PHE A 117 19.53 20.24 -2.64
C PHE A 117 20.19 18.98 -3.23
N TRP A 118 20.81 19.08 -4.39
CA TRP A 118 21.39 17.90 -5.08
C TRP A 118 22.50 17.30 -4.23
N ARG A 119 23.36 18.13 -3.63
CA ARG A 119 24.50 17.67 -2.81
C ARG A 119 23.98 16.87 -1.61
N THR A 120 22.92 17.35 -0.98
CA THR A 120 22.35 16.76 0.23
C THR A 120 21.70 15.41 -0.12
N MET A 121 21.01 15.31 -1.25
CA MET A 121 20.41 14.02 -1.71
C MET A 121 21.54 12.97 -1.73
N ASP A 122 22.68 13.32 -2.28
CA ASP A 122 23.80 12.35 -2.41
C ASP A 122 24.48 12.17 -1.05
N ASP A 123 24.61 13.23 -0.23
CA ASP A 123 25.25 13.12 1.10
C ASP A 123 24.43 12.10 1.94
N MET A 124 23.11 12.24 1.94
CA MET A 124 22.21 11.32 2.70
C MET A 124 22.34 9.91 2.12
N GLY A 125 22.39 9.80 0.80
CA GLY A 125 22.51 8.49 0.13
C GLY A 125 23.74 7.73 0.58
N ARG A 126 24.86 8.42 0.81
CA ARG A 126 26.13 7.72 1.20
C ARG A 126 25.99 7.08 2.58
N GLU A 127 24.98 7.43 3.37
CA GLU A 127 24.74 6.77 4.69
C GLU A 127 23.92 5.48 4.55
N ILE A 128 23.39 5.20 3.37
CA ILE A 128 22.38 4.13 3.17
C ILE A 128 23.01 2.95 2.43
N PRO A 129 23.14 1.77 3.08
CA PRO A 129 23.68 0.61 2.36
C PRO A 129 22.73 0.12 1.24
N SER A 130 23.26 -0.11 0.03
CA SER A 130 22.49 -0.55 -1.18
C SER A 130 21.75 -1.85 -0.90
N ASP A 131 22.35 -2.77 -0.14
CA ASP A 131 21.78 -4.12 0.08
C ASP A 131 21.02 -4.18 1.41
N ALA A 132 20.90 -3.09 2.15
CA ALA A 132 20.20 -3.07 3.46
C ALA A 132 19.88 -1.64 3.88
N PRO A 133 18.97 -0.94 3.18
CA PRO A 133 18.72 0.47 3.50
C PRO A 133 18.24 0.73 4.94
N TRP A 134 17.56 -0.24 5.53
CA TRP A 134 17.06 -0.24 6.93
C TRP A 134 18.25 -0.21 7.93
N LYS A 135 19.47 -0.41 7.49
CA LYS A 135 20.67 -0.31 8.38
C LYS A 135 21.26 1.09 8.40
N ALA A 136 20.73 2.03 7.65
CA ALA A 136 21.24 3.43 7.73
C ALA A 136 21.11 3.90 9.19
N PRO A 137 22.05 4.72 9.71
CA PRO A 137 21.98 5.18 11.11
C PRO A 137 20.69 5.90 11.49
N LEU A 138 20.11 6.71 10.60
CA LEU A 138 18.84 7.44 10.85
C LEU A 138 17.70 6.82 10.02
N ALA A 139 17.74 5.50 9.81
CA ALA A 139 16.77 4.84 8.93
C ALA A 139 15.35 5.17 9.42
N GLU A 140 15.10 5.02 10.72
CA GLU A 140 13.72 5.14 11.24
C GLU A 140 13.26 6.59 11.05
N GLU A 141 14.06 7.57 11.46
CA GLU A 141 13.75 9.00 11.25
C GLU A 141 13.46 9.29 9.76
N TRP A 142 14.29 8.79 8.86
CA TRP A 142 14.10 9.11 7.42
C TRP A 142 12.90 8.32 6.85
N ASP A 143 12.64 7.11 7.31
CA ASP A 143 11.51 6.31 6.81
C ASP A 143 10.16 6.84 7.29
N ASN A 144 10.14 7.57 8.40
CA ASN A 144 8.89 8.06 9.00
C ASN A 144 8.46 9.42 8.44
N MET A 145 9.19 9.95 7.45
CA MET A 145 8.78 11.18 6.75
C MET A 145 8.60 10.87 5.26
N THR A 146 7.73 11.64 4.64
CA THR A 146 7.57 11.61 3.17
C THR A 146 8.68 12.42 2.49
N MET A 147 8.83 12.25 1.19
CA MET A 147 9.71 13.17 0.43
C MET A 147 9.14 14.57 0.50
N LYS A 148 7.84 14.77 0.59
CA LYS A 148 7.28 16.16 0.68
C LYS A 148 7.83 16.84 1.94
N GLU A 149 7.82 16.14 3.08
CA GLU A 149 8.37 16.67 4.34
C GLU A 149 9.84 16.99 4.21
N LEU A 150 10.64 16.12 3.59
CA LEU A 150 12.09 16.36 3.43
C LEU A 150 12.29 17.61 2.56
N LEU A 151 11.57 17.75 1.44
CA LEU A 151 11.78 18.93 0.57
C LEU A 151 11.36 20.18 1.34
N ASP A 152 10.29 20.13 2.13
CA ASP A 152 9.83 21.31 2.91
C ASP A 152 10.94 21.74 3.90
N LYS A 153 11.69 20.81 4.47
CA LYS A 153 12.83 21.15 5.38
C LYS A 153 14.05 21.65 4.58
N LEU A 154 14.41 21.04 3.46
CA LEU A 154 15.69 21.29 2.75
C LEU A 154 15.65 22.52 1.86
N CYS A 155 14.53 22.80 1.23
CA CYS A 155 14.47 23.77 0.09
C CYS A 155 14.06 25.14 0.65
N TRP A 156 14.96 26.11 0.64
CA TRP A 156 14.69 27.48 1.18
C TRP A 156 14.14 28.35 0.05
N THR A 157 14.04 27.85 -1.16
CA THR A 157 13.42 28.58 -2.29
C THR A 157 12.30 27.75 -2.92
N GLU A 158 11.30 28.41 -3.46
CA GLU A 158 10.23 27.72 -4.24
C GLU A 158 10.84 27.14 -5.53
N SER A 159 11.79 27.82 -6.16
CA SER A 159 12.46 27.33 -7.39
C SER A 159 13.01 25.89 -7.15
N ALA A 160 13.77 25.71 -6.08
CA ALA A 160 14.42 24.40 -5.79
C ALA A 160 13.33 23.38 -5.44
N LYS A 161 12.32 23.80 -4.68
CA LYS A 161 11.27 22.85 -4.26
C LYS A 161 10.48 22.36 -5.47
N GLN A 162 10.17 23.25 -6.44
CA GLN A 162 9.43 22.89 -7.66
C GLN A 162 10.27 21.94 -8.53
N LEU A 163 11.58 22.16 -8.66
CA LEU A 163 12.42 21.29 -9.49
C LEU A 163 12.57 19.93 -8.81
N ALA A 164 12.82 19.91 -7.52
CA ALA A 164 12.95 18.69 -6.70
C ALA A 164 11.66 17.86 -6.79
N THR A 165 10.49 18.50 -6.77
CA THR A 165 9.19 17.81 -6.91
C THR A 165 9.12 17.09 -8.27
N LEU A 166 9.46 17.79 -9.35
CA LEU A 166 9.48 17.19 -10.69
C LEU A 166 10.45 15.99 -10.71
N PHE A 167 11.64 16.13 -10.14
CA PHE A 167 12.66 15.03 -10.04
C PHE A 167 12.04 13.78 -9.41
N VAL A 168 11.35 13.92 -8.28
CA VAL A 168 10.70 12.76 -7.61
C VAL A 168 9.61 12.18 -8.53
N ASN A 169 8.71 13.02 -9.02
CA ASN A 169 7.58 12.55 -9.87
C ASN A 169 8.13 11.74 -11.07
N LEU A 170 9.20 12.21 -11.70
CA LEU A 170 9.76 11.62 -12.95
C LEU A 170 10.55 10.35 -12.62
N CYS A 171 11.30 10.31 -11.53
CA CYS A 171 12.12 9.12 -11.18
C CYS A 171 11.25 7.96 -10.73
N VAL A 172 10.17 8.20 -9.96
CA VAL A 172 9.40 7.07 -9.36
C VAL A 172 7.88 7.18 -9.61
N THR A 173 7.42 8.00 -10.55
CA THR A 173 6.01 8.03 -11.06
C THR A 173 5.06 8.07 -9.83
N ALA A 174 5.42 8.90 -8.84
CA ALA A 174 4.63 9.04 -7.61
C ALA A 174 4.78 10.46 -7.07
N GLU A 175 3.83 10.87 -6.26
CA GLU A 175 3.84 12.20 -5.62
C GLU A 175 4.86 12.21 -4.47
N THR A 176 5.37 13.39 -4.13
CA THR A 176 6.31 13.53 -3.00
C THR A 176 5.67 13.11 -1.68
N HIS A 177 4.38 13.38 -1.50
CA HIS A 177 3.66 13.03 -0.25
C HIS A 177 3.33 11.53 -0.20
N GLU A 178 3.49 10.77 -1.28
CA GLU A 178 3.15 9.32 -1.33
C GLU A 178 4.31 8.47 -0.79
N VAL A 179 5.55 8.92 -0.94
CA VAL A 179 6.74 8.04 -0.86
C VAL A 179 7.58 8.35 0.38
N SER A 180 8.16 7.30 0.97
CA SER A 180 9.11 7.38 2.07
C SER A 180 10.37 8.18 1.62
N ALA A 181 10.91 9.06 2.45
CA ALA A 181 12.20 9.75 2.22
C ALA A 181 13.33 8.70 2.21
N LEU A 182 13.43 7.79 3.18
CA LEU A 182 14.47 6.74 3.18
C LEU A 182 14.45 5.97 1.86
N TRP A 183 13.25 5.49 1.46
CA TRP A 183 13.14 4.65 0.25
C TRP A 183 13.62 5.46 -0.97
N PHE A 184 13.19 6.72 -1.11
CA PHE A 184 13.57 7.51 -2.31
C PHE A 184 15.10 7.75 -2.32
N LEU A 185 15.68 8.13 -1.18
CA LEU A 185 17.15 8.38 -1.09
C LEU A 185 17.90 7.08 -1.41
N TRP A 186 17.40 5.91 -0.97
CA TRP A 186 17.99 4.60 -1.33
C TRP A 186 17.93 4.44 -2.84
N TYR A 187 16.76 4.68 -3.43
CA TYR A 187 16.49 4.41 -4.85
C TYR A 187 17.50 5.19 -5.71
N VAL A 188 17.71 6.46 -5.39
CA VAL A 188 18.64 7.32 -6.16
C VAL A 188 20.09 6.84 -5.94
N LYS A 189 20.46 6.55 -4.70
CA LYS A 189 21.86 6.14 -4.39
C LYS A 189 22.18 4.81 -5.10
N GLN A 190 21.23 3.86 -5.15
CA GLN A 190 21.50 2.52 -5.76
C GLN A 190 21.49 2.57 -7.30
N CYS A 191 21.19 3.72 -7.89
CA CYS A 191 21.43 3.97 -9.34
C CYS A 191 22.75 4.71 -9.57
N GLY A 192 23.51 5.07 -8.54
CA GLY A 192 24.78 5.81 -8.71
C GLY A 192 24.65 7.29 -8.38
N GLY A 193 23.49 7.74 -7.87
CA GLY A 193 23.37 9.14 -7.43
C GLY A 193 22.64 10.06 -8.39
N THR A 194 22.48 11.32 -7.97
CA THR A 194 21.62 12.29 -8.70
C THR A 194 22.11 12.44 -10.14
N THR A 195 23.37 12.76 -10.36
CA THR A 195 23.86 13.05 -11.72
C THR A 195 23.62 11.85 -12.64
N ARG A 196 23.94 10.64 -12.21
CA ARG A 196 23.81 9.43 -13.04
C ARG A 196 22.32 9.17 -13.36
N ILE A 197 21.41 9.39 -12.42
CA ILE A 197 19.99 9.01 -12.66
C ILE A 197 19.33 10.03 -13.59
N ILE A 198 19.75 11.30 -13.56
CA ILE A 198 19.04 12.36 -14.33
C ILE A 198 19.65 12.54 -15.71
N SER A 199 20.81 11.98 -15.99
CA SER A 199 21.53 12.31 -17.24
C SER A 199 21.11 11.46 -18.41
N THR A 200 21.10 12.07 -19.62
CA THR A 200 21.03 11.35 -20.91
C THR A 200 22.47 10.96 -21.27
N THR A 201 23.24 11.89 -21.79
CA THR A 201 24.70 11.64 -21.96
C THR A 201 25.32 11.27 -20.59
N ASN A 202 26.03 10.13 -20.49
CA ASN A 202 26.72 9.69 -19.24
CA ASN A 202 26.71 9.60 -19.27
C ASN A 202 25.73 9.20 -18.14
N GLY A 203 24.47 8.98 -18.46
CA GLY A 203 23.49 8.50 -17.46
C GLY A 203 22.50 7.48 -17.98
N GLY A 204 21.43 7.30 -17.19
CA GLY A 204 20.41 6.26 -17.41
C GLY A 204 19.70 6.36 -18.74
N GLN A 205 19.58 7.57 -19.29
CA GLN A 205 18.77 7.74 -20.52
C GLN A 205 19.67 7.82 -21.77
N GLU A 206 20.91 7.30 -21.73
CA GLU A 206 21.88 7.53 -22.82
C GLU A 206 21.47 6.82 -24.11
N ARG A 207 20.95 5.60 -24.03
CA ARG A 207 20.78 4.74 -25.20
C ARG A 207 19.46 4.01 -25.21
N LYS A 208 19.15 3.49 -26.38
CA LYS A 208 18.04 2.55 -26.61
C LYS A 208 18.58 1.37 -27.44
N PHE A 209 17.82 0.30 -27.46
CA PHE A 209 18.13 -0.87 -28.31
C PHE A 209 17.59 -0.61 -29.72
N VAL A 210 18.42 -0.90 -30.72
CA VAL A 210 17.96 -0.97 -32.14
C VAL A 210 16.91 -2.08 -32.23
N GLY A 211 15.69 -1.75 -32.67
CA GLY A 211 14.60 -2.73 -32.80
C GLY A 211 13.71 -2.88 -31.57
N GLY A 212 14.05 -2.27 -30.43
CA GLY A 212 13.21 -2.31 -29.21
C GLY A 212 13.74 -3.25 -28.13
N SER A 213 13.45 -2.93 -26.86
CA SER A 213 13.85 -3.72 -25.69
C SER A 213 13.08 -5.03 -25.60
N GLY A 214 11.89 -5.15 -26.18
CA GLY A 214 11.10 -6.40 -26.17
C GLY A 214 11.88 -7.60 -26.74
N GLN A 215 12.84 -7.33 -27.61
CA GLN A 215 13.67 -8.36 -28.25
C GLN A 215 14.48 -9.11 -27.19
N VAL A 216 14.76 -8.51 -26.04
CA VAL A 216 15.54 -9.26 -25.01
C VAL A 216 14.74 -10.48 -24.57
N SER A 217 13.49 -10.26 -24.12
CA SER A 217 12.65 -11.37 -23.66
C SER A 217 12.32 -12.30 -24.83
N GLU A 218 12.03 -11.75 -26.02
CA GLU A 218 11.63 -12.57 -27.19
C GLU A 218 12.79 -13.53 -27.57
N ARG A 219 14.02 -13.03 -27.57
CA ARG A 219 15.18 -13.83 -28.06
C ARG A 219 15.52 -14.90 -27.02
N ILE A 220 15.27 -14.63 -25.74
CA ILE A 220 15.41 -15.71 -24.73
C ILE A 220 14.28 -16.75 -24.90
N MET A 221 13.04 -16.35 -25.17
CA MET A 221 11.97 -17.34 -25.44
C MET A 221 12.40 -18.23 -26.64
N ASP A 222 12.97 -17.66 -27.69
CA ASP A 222 13.46 -18.43 -28.88
C ASP A 222 14.47 -19.49 -28.44
N LEU A 223 15.41 -19.16 -27.56
CA LEU A 223 16.42 -20.12 -27.02
C LEU A 223 15.74 -21.21 -26.19
N LEU A 224 14.67 -20.90 -25.46
CA LEU A 224 14.06 -21.86 -24.51
C LEU A 224 13.03 -22.77 -25.23
N GLY A 225 12.53 -22.38 -26.42
CA GLY A 225 11.49 -23.15 -27.14
C GLY A 225 10.21 -23.26 -26.35
N ASP A 226 9.68 -24.48 -26.30
CA ASP A 226 8.34 -24.73 -25.74
C ASP A 226 8.41 -24.73 -24.20
N ARG A 227 9.55 -24.50 -23.58
CA ARG A 227 9.64 -24.36 -22.10
C ARG A 227 8.89 -23.10 -21.58
N VAL A 228 8.66 -22.11 -22.45
CA VAL A 228 7.86 -20.91 -22.10
C VAL A 228 6.37 -21.17 -22.40
N LYS A 229 5.53 -21.07 -21.37
CA LYS A 229 4.09 -21.36 -21.46
C LYS A 229 3.35 -20.01 -21.34
N LEU A 230 2.81 -19.53 -22.43
CA LEU A 230 2.04 -18.25 -22.48
C LEU A 230 0.59 -18.52 -22.07
N GLU A 231 -0.08 -17.50 -21.54
CA GLU A 231 -1.47 -17.56 -21.03
C GLU A 231 -1.60 -18.65 -19.96
N ARG A 232 -0.60 -18.71 -19.07
CA ARG A 232 -0.56 -19.54 -17.85
C ARG A 232 -0.38 -18.64 -16.62
N PRO A 233 -1.41 -17.90 -16.22
CA PRO A 233 -1.38 -17.15 -14.95
C PRO A 233 -1.35 -18.17 -13.79
N VAL A 234 -0.38 -18.03 -12.91
CA VAL A 234 -0.27 -18.88 -11.68
C VAL A 234 -1.29 -18.42 -10.62
N ILE A 235 -2.03 -19.37 -10.06
CA ILE A 235 -3.08 -19.12 -9.01
C ILE A 235 -2.75 -19.78 -7.69
N TYR A 236 -1.83 -20.74 -7.61
CA TYR A 236 -1.71 -21.58 -6.39
C TYR A 236 -0.34 -22.22 -6.36
N ILE A 237 0.31 -22.10 -5.22
CA ILE A 237 1.63 -22.74 -4.96
C ILE A 237 1.50 -23.54 -3.65
N ASP A 238 1.77 -24.84 -3.74
CA ASP A 238 1.66 -25.80 -2.59
C ASP A 238 3.04 -26.41 -2.30
N GLN A 239 3.58 -26.11 -1.12
CA GLN A 239 4.92 -26.57 -0.67
C GLN A 239 4.76 -27.61 0.45
N THR A 240 3.60 -28.24 0.61
CA THR A 240 3.38 -29.16 1.76
C THR A 240 3.97 -30.53 1.46
N ARG A 241 4.30 -30.86 0.21
CA ARG A 241 4.81 -32.20 -0.17
C ARG A 241 6.28 -32.14 -0.63
N GLU A 242 6.81 -33.29 -1.05
CA GLU A 242 8.26 -33.43 -1.35
C GLU A 242 8.66 -32.51 -2.50
N ASN A 243 7.85 -32.45 -3.55
CA ASN A 243 8.03 -31.51 -4.69
C ASN A 243 7.00 -30.39 -4.58
N VAL A 244 7.37 -29.18 -5.00
CA VAL A 244 6.43 -28.02 -5.05
C VAL A 244 5.42 -28.21 -6.18
N LEU A 245 4.15 -27.90 -5.95
CA LEU A 245 3.11 -27.96 -6.99
C LEU A 245 2.71 -26.53 -7.34
N VAL A 246 2.72 -26.21 -8.64
CA VAL A 246 2.32 -24.88 -9.14
C VAL A 246 1.13 -25.05 -10.08
N GLU A 247 -0.01 -24.44 -9.75
CA GLU A 247 -1.21 -24.52 -10.60
C GLU A 247 -1.49 -23.21 -11.34
N THR A 248 -1.98 -23.35 -12.57
CA THR A 248 -2.35 -22.20 -13.44
C THR A 248 -3.87 -22.04 -13.51
N LEU A 249 -4.30 -20.87 -13.95
CA LEU A 249 -5.73 -20.51 -14.09
C LEU A 249 -6.40 -21.46 -15.10
N ASN A 250 -5.66 -21.89 -16.13
CA ASN A 250 -6.25 -22.69 -17.26
C ASN A 250 -6.17 -24.16 -16.91
N HIS A 251 -6.10 -24.51 -15.62
CA HIS A 251 -6.19 -25.90 -15.13
C HIS A 251 -4.99 -26.77 -15.55
N GLU A 252 -3.75 -26.30 -15.40
CA GLU A 252 -2.56 -27.16 -15.59
C GLU A 252 -1.83 -27.23 -14.25
N MET A 253 -1.14 -28.32 -14.00
CA MET A 253 -0.34 -28.46 -12.77
C MET A 253 1.13 -28.71 -13.16
N TYR A 254 2.06 -28.04 -12.50
CA TYR A 254 3.51 -28.18 -12.71
C TYR A 254 4.13 -28.61 -11.39
N GLU A 255 5.07 -29.54 -11.47
CA GLU A 255 5.76 -30.05 -10.27
C GLU A 255 7.26 -29.76 -10.40
N ALA A 256 7.87 -29.22 -9.35
CA ALA A 256 9.26 -28.72 -9.41
C ALA A 256 9.98 -28.95 -8.09
N LYS A 257 11.30 -28.86 -8.10
CA LYS A 257 12.14 -28.89 -6.89
C LYS A 257 12.08 -27.51 -6.23
N TYR A 258 12.12 -26.44 -7.03
CA TYR A 258 12.18 -25.03 -6.54
C TYR A 258 11.32 -24.13 -7.44
N VAL A 259 10.95 -22.97 -6.92
CA VAL A 259 10.24 -21.93 -7.71
C VAL A 259 10.99 -20.59 -7.60
N ILE A 260 11.04 -19.87 -8.72
CA ILE A 260 11.42 -18.44 -8.72
C ILE A 260 10.15 -17.62 -8.99
N SER A 261 9.82 -16.73 -8.05
CA SER A 261 8.78 -15.69 -8.23
C SER A 261 9.45 -14.47 -8.90
N ALA A 262 9.18 -14.21 -10.19
CA ALA A 262 9.82 -13.10 -10.93
C ALA A 262 8.74 -12.06 -11.31
N ILE A 263 7.80 -11.78 -10.39
CA ILE A 263 6.65 -10.84 -10.60
C ILE A 263 6.81 -9.70 -9.57
N PRO A 264 6.24 -8.52 -9.84
CA PRO A 264 6.30 -7.44 -8.85
C PRO A 264 5.75 -7.93 -7.52
N PRO A 265 6.30 -7.49 -6.37
CA PRO A 265 5.96 -8.08 -5.07
C PRO A 265 4.46 -8.10 -4.76
N THR A 266 3.75 -7.00 -4.99
CA THR A 266 2.29 -6.96 -4.69
C THR A 266 1.55 -8.00 -5.54
N LEU A 267 2.02 -8.32 -6.75
CA LEU A 267 1.26 -9.29 -7.62
C LEU A 267 1.38 -10.71 -7.05
N GLY A 268 2.22 -10.93 -6.05
CA GLY A 268 2.19 -12.17 -5.23
C GLY A 268 0.83 -12.42 -4.56
N MET A 269 0.03 -11.37 -4.39
CA MET A 269 -1.34 -11.47 -3.83
C MET A 269 -2.26 -12.28 -4.75
N LYS A 270 -1.96 -12.39 -6.05
CA LYS A 270 -2.84 -13.10 -6.99
C LYS A 270 -2.65 -14.61 -6.82
N ILE A 271 -1.69 -15.03 -5.98
CA ILE A 271 -1.41 -16.47 -5.78
C ILE A 271 -1.90 -16.86 -4.40
N HIS A 272 -2.58 -18.01 -4.32
CA HIS A 272 -3.04 -18.59 -3.04
C HIS A 272 -1.92 -19.52 -2.58
N PHE A 273 -1.45 -19.41 -1.34
CA PHE A 273 -0.28 -20.17 -0.84
C PHE A 273 -0.70 -21.21 0.20
N ASN A 274 -0.11 -22.39 0.07
CA ASN A 274 -0.28 -23.51 1.02
C ASN A 274 1.10 -24.05 1.31
N PRO A 275 1.61 -23.98 2.55
CA PRO A 275 0.93 -23.33 3.67
C PRO A 275 0.88 -21.82 3.47
N PRO A 276 0.16 -21.07 4.30
CA PRO A 276 0.15 -19.61 4.15
C PRO A 276 1.56 -19.00 4.25
N LEU A 277 1.77 -17.84 3.62
CA LEU A 277 3.05 -17.11 3.77
C LEU A 277 3.26 -16.78 5.26
N PRO A 278 4.53 -16.71 5.67
CA PRO A 278 4.88 -16.15 6.98
C PRO A 278 4.32 -14.72 7.11
N MET A 279 3.98 -14.33 8.35
CA MET A 279 3.27 -13.06 8.65
C MET A 279 3.93 -11.85 7.96
N MET A 280 5.25 -11.69 8.04
CA MET A 280 5.88 -10.45 7.51
C MET A 280 5.67 -10.37 6.00
N ARG A 281 5.86 -11.46 5.24
CA ARG A 281 5.61 -11.38 3.79
C ARG A 281 4.12 -11.19 3.52
N ASN A 282 3.26 -11.93 4.25
CA ASN A 282 1.78 -11.85 4.07
C ASN A 282 1.34 -10.36 4.08
N GLN A 283 1.88 -9.58 5.02
CA GLN A 283 1.52 -8.15 5.13
C GLN A 283 2.35 -7.29 4.16
N MET A 284 3.61 -7.62 3.89
CA MET A 284 4.47 -6.77 3.03
C MET A 284 3.80 -6.64 1.64
N ILE A 285 3.19 -7.70 1.13
CA ILE A 285 2.73 -7.70 -0.30
C ILE A 285 1.43 -6.91 -0.45
N THR A 286 0.87 -6.35 0.64
CA THR A 286 -0.31 -5.43 0.63
C THR A 286 0.12 -3.97 0.84
N ARG A 287 1.42 -3.70 0.98
CA ARG A 287 1.96 -2.41 1.39
C ARG A 287 2.86 -1.77 0.31
N VAL A 288 2.96 -2.33 -0.89
CA VAL A 288 4.03 -1.95 -1.87
C VAL A 288 3.38 -1.78 -3.24
N PRO A 289 2.71 -0.64 -3.47
CA PRO A 289 2.12 -0.32 -4.79
C PRO A 289 3.15 0.02 -5.86
N LEU A 290 2.70 0.01 -7.12
CA LEU A 290 3.51 0.54 -8.27
C LEU A 290 3.00 1.94 -8.64
N GLY A 291 3.89 2.73 -9.25
CA GLY A 291 3.57 4.09 -9.69
C GLY A 291 2.63 4.13 -10.86
N SER A 292 2.37 5.34 -11.34
CA SER A 292 1.33 5.67 -12.34
C SER A 292 1.96 6.48 -13.48
N VAL A 293 1.81 6.01 -14.71
CA VAL A 293 2.41 6.72 -15.87
C VAL A 293 1.67 6.33 -17.15
N ILE A 294 1.50 7.32 -18.04
CA ILE A 294 1.12 7.08 -19.46
C ILE A 294 2.34 7.46 -20.29
N LYS A 295 2.85 6.53 -21.11
CA LYS A 295 3.96 6.84 -22.05
C LYS A 295 3.34 7.17 -23.39
N CYS A 296 3.63 8.37 -23.91
CA CYS A 296 2.96 8.97 -25.08
C CYS A 296 4.00 9.27 -26.16
N ILE A 297 3.80 8.84 -27.40
CA ILE A 297 4.79 9.18 -28.48
C ILE A 297 4.03 9.87 -29.63
N VAL A 298 4.36 11.12 -29.88
CA VAL A 298 3.79 11.92 -30.99
C VAL A 298 4.77 11.90 -32.19
N TYR A 299 4.28 11.51 -33.37
CA TYR A 299 5.08 11.44 -34.61
C TYR A 299 4.84 12.68 -35.46
N TYR A 300 5.92 13.10 -36.12
CA TYR A 300 5.97 14.28 -37.03
C TYR A 300 6.67 13.93 -38.34
N LYS A 301 6.45 14.76 -39.37
CA LYS A 301 7.07 14.54 -40.71
C LYS A 301 8.60 14.63 -40.62
N GLU A 302 9.15 15.51 -39.78
CA GLU A 302 10.59 15.75 -39.59
C GLU A 302 10.85 16.13 -38.13
N PRO A 303 12.10 15.98 -37.65
CA PRO A 303 12.48 16.40 -36.30
C PRO A 303 12.77 17.90 -36.31
N PHE A 304 11.69 18.68 -36.45
CA PHE A 304 11.74 20.13 -36.75
C PHE A 304 12.42 20.92 -35.62
N TRP A 305 12.40 20.38 -34.41
CA TRP A 305 12.98 21.03 -33.21
C TRP A 305 14.51 21.18 -33.38
N ARG A 306 15.15 20.23 -34.07
CA ARG A 306 16.63 20.26 -34.29
C ARG A 306 17.02 21.51 -35.08
N LYS A 307 16.16 21.98 -35.98
CA LYS A 307 16.41 23.20 -36.83
C LYS A 307 16.40 24.47 -35.97
N LYS A 308 15.76 24.48 -34.80
CA LYS A 308 15.79 25.58 -33.81
C LYS A 308 16.84 25.36 -32.73
N ASP A 309 17.74 24.40 -32.94
CA ASP A 309 18.83 24.06 -32.03
C ASP A 309 18.25 23.58 -30.68
N TYR A 310 17.18 22.79 -30.73
CA TYR A 310 16.61 22.05 -29.57
C TYR A 310 16.80 20.54 -29.80
N CYS A 311 17.27 19.80 -28.81
CA CYS A 311 17.51 18.35 -29.04
C CYS A 311 16.20 17.58 -28.92
N GLY A 312 15.17 18.15 -28.31
CA GLY A 312 13.88 17.45 -28.13
C GLY A 312 13.61 17.14 -26.63
N THR A 313 14.58 17.38 -25.77
CA THR A 313 14.43 17.25 -24.30
C THR A 313 13.73 18.49 -23.74
N MET A 314 12.61 18.29 -23.05
CA MET A 314 11.82 19.34 -22.39
C MET A 314 11.61 18.89 -20.93
N ILE A 315 11.98 19.76 -19.98
CA ILE A 315 11.68 19.63 -18.54
C ILE A 315 10.64 20.69 -18.21
N ILE A 316 9.40 20.28 -17.96
CA ILE A 316 8.20 21.17 -18.01
C ILE A 316 7.57 21.18 -16.61
N ASP A 317 7.72 22.27 -15.92
CA ASP A 317 7.09 22.50 -14.59
C ASP A 317 5.75 23.22 -14.76
N GLY A 318 4.71 22.69 -14.15
CA GLY A 318 3.41 23.41 -14.03
C GLY A 318 2.26 22.43 -14.00
N GLU A 319 1.27 22.68 -13.15
CA GLU A 319 0.07 21.82 -12.99
C GLU A 319 -0.63 21.69 -14.34
N GLU A 320 -0.67 22.75 -15.16
CA GLU A 320 -1.46 22.70 -16.41
C GLU A 320 -0.79 21.78 -17.42
N ALA A 321 0.55 21.64 -17.40
CA ALA A 321 1.21 20.80 -18.42
C ALA A 321 0.83 19.33 -18.19
N PRO A 322 0.26 18.60 -19.16
CA PRO A 322 0.06 17.16 -18.98
C PRO A 322 1.35 16.35 -18.85
N VAL A 323 2.39 16.73 -19.60
CA VAL A 323 3.70 16.02 -19.67
C VAL A 323 4.78 16.84 -18.98
N ALA A 324 5.56 16.27 -18.04
CA ALA A 324 6.62 17.01 -17.35
C ALA A 324 7.99 16.74 -17.99
N TYR A 325 8.12 15.75 -18.87
CA TYR A 325 9.44 15.35 -19.41
C TYR A 325 9.28 14.71 -20.77
N THR A 326 10.11 15.13 -21.71
CA THR A 326 10.17 14.57 -23.07
C THR A 326 11.61 14.25 -23.45
N LEU A 327 11.76 13.33 -24.41
CA LEU A 327 13.03 13.02 -25.14
C LEU A 327 12.71 12.85 -26.63
N ASP A 328 13.65 13.24 -27.48
CA ASP A 328 13.62 12.88 -28.92
C ASP A 328 13.52 11.35 -29.06
N ASP A 329 12.55 10.85 -29.83
CA ASP A 329 12.36 9.37 -30.07
C ASP A 329 12.50 9.05 -31.57
N THR A 330 13.11 9.95 -32.34
CA THR A 330 13.46 9.75 -33.77
C THR A 330 14.36 8.50 -33.93
N LYS A 331 14.16 7.73 -34.99
CA LYS A 331 15.01 6.53 -35.23
C LYS A 331 16.44 6.99 -35.48
N PRO A 332 17.47 6.14 -35.27
CA PRO A 332 18.85 6.55 -35.49
C PRO A 332 19.14 6.92 -36.96
N GLU A 333 18.34 6.46 -37.92
CA GLU A 333 18.52 6.76 -39.36
C GLU A 333 17.97 8.15 -39.65
N GLY A 334 17.24 8.76 -38.69
CA GLY A 334 16.77 10.16 -38.74
C GLY A 334 15.34 10.22 -39.24
N ASN A 335 14.68 9.07 -39.46
CA ASN A 335 13.27 9.01 -39.93
C ASN A 335 12.35 8.60 -38.77
N TYR A 336 11.05 8.54 -39.02
CA TYR A 336 9.98 8.35 -38.02
C TYR A 336 10.21 9.36 -36.89
N ALA A 337 10.36 10.63 -37.23
CA ALA A 337 10.58 11.71 -36.24
C ALA A 337 9.49 11.66 -35.17
N ALA A 338 9.85 11.79 -33.89
CA ALA A 338 8.90 11.60 -32.79
C ALA A 338 9.41 12.25 -31.50
N ILE A 339 8.48 12.67 -30.65
CA ILE A 339 8.71 13.12 -29.25
C ILE A 339 8.04 12.12 -28.31
N MET A 340 8.83 11.57 -27.38
CA MET A 340 8.34 10.72 -26.27
C MET A 340 8.09 11.61 -25.05
N GLY A 341 6.93 11.48 -24.45
CA GLY A 341 6.58 12.22 -23.22
C GLY A 341 5.95 11.33 -22.17
N PHE A 342 6.17 11.63 -20.89
CA PHE A 342 5.55 10.90 -19.78
C PHE A 342 4.48 11.78 -19.11
N ILE A 343 3.29 11.23 -18.92
CA ILE A 343 2.24 11.85 -18.06
C ILE A 343 2.34 11.16 -16.71
N LEU A 344 2.68 11.90 -15.63
CA LEU A 344 3.20 11.30 -14.38
C LEU A 344 2.20 11.38 -13.21
N ALA A 345 2.17 10.32 -12.40
CA ALA A 345 1.59 10.29 -11.05
C ALA A 345 0.13 10.76 -11.10
N HIS A 346 -0.30 11.81 -10.37
CA HIS A 346 -1.73 12.17 -10.35
C HIS A 346 -2.21 12.51 -11.78
N LYS A 347 -1.36 13.04 -12.66
CA LYS A 347 -1.85 13.45 -14.01
C LYS A 347 -2.20 12.22 -14.85
N ALA A 348 -1.57 11.06 -14.58
CA ALA A 348 -1.89 9.80 -15.28
C ALA A 348 -3.33 9.40 -14.87
N ARG A 349 -3.72 9.65 -13.62
CA ARG A 349 -5.09 9.34 -13.14
C ARG A 349 -6.05 10.39 -13.73
N LYS A 350 -5.73 11.67 -13.59
CA LYS A 350 -6.60 12.81 -14.01
C LYS A 350 -6.90 12.70 -15.51
N LEU A 351 -5.88 12.48 -16.35
CA LEU A 351 -6.07 12.56 -17.82
C LEU A 351 -6.46 11.21 -18.46
N ALA A 352 -6.51 10.12 -17.71
CA ALA A 352 -6.96 8.80 -18.23
C ALA A 352 -8.44 8.91 -18.65
N ARG A 353 -9.18 9.84 -18.07
CA ARG A 353 -10.61 10.17 -18.37
C ARG A 353 -10.80 10.55 -19.84
N LEU A 354 -9.83 11.26 -20.43
CA LEU A 354 -9.93 11.82 -21.80
C LEU A 354 -9.88 10.71 -22.86
N THR A 355 -10.26 10.99 -24.10
CA THR A 355 -10.01 10.10 -25.25
C THR A 355 -8.54 10.18 -25.67
N LYS A 356 -8.09 9.19 -26.43
CA LYS A 356 -6.75 9.20 -27.06
C LYS A 356 -6.60 10.48 -27.90
N GLU A 357 -7.61 10.84 -28.70
CA GLU A 357 -7.56 12.05 -29.55
C GLU A 357 -7.45 13.31 -28.70
N GLU A 358 -8.16 13.41 -27.58
CA GLU A 358 -8.07 14.57 -26.67
C GLU A 358 -6.70 14.67 -25.98
N ARG A 359 -6.09 13.57 -25.55
CA ARG A 359 -4.68 13.58 -25.03
C ARG A 359 -3.72 14.05 -26.14
N LEU A 360 -3.85 13.53 -27.37
CA LEU A 360 -2.94 13.99 -28.47
C LEU A 360 -3.03 15.52 -28.61
N LYS A 361 -4.23 16.07 -28.58
CA LYS A 361 -4.40 17.53 -28.82
C LYS A 361 -3.73 18.30 -27.69
N LYS A 362 -3.94 17.90 -26.43
CA LYS A 362 -3.30 18.62 -25.29
C LYS A 362 -1.77 18.55 -25.42
N LEU A 363 -1.20 17.39 -25.80
CA LEU A 363 0.27 17.24 -25.91
C LEU A 363 0.78 18.17 -27.04
N CYS A 364 0.12 18.19 -28.20
CA CYS A 364 0.60 19.03 -29.34
C CYS A 364 0.54 20.51 -28.94
N GLU A 365 -0.50 20.94 -28.23
CA GLU A 365 -0.63 22.35 -27.82
C GLU A 365 0.47 22.72 -26.80
N LEU A 366 0.80 21.78 -25.91
CA LEU A 366 1.92 22.01 -24.95
C LEU A 366 3.26 22.13 -25.71
N TYR A 367 3.55 21.18 -26.58
CA TYR A 367 4.84 21.14 -27.32
C TYR A 367 4.95 22.40 -28.19
N ALA A 368 3.88 22.86 -28.82
CA ALA A 368 3.91 24.06 -29.66
C ALA A 368 4.33 25.25 -28.80
N LYS A 369 3.79 25.38 -27.60
CA LYS A 369 4.18 26.50 -26.72
C LYS A 369 5.64 26.35 -26.24
N VAL A 370 6.01 25.18 -25.75
CA VAL A 370 7.37 24.98 -25.17
C VAL A 370 8.47 25.18 -26.24
N LEU A 371 8.25 24.66 -27.43
CA LEU A 371 9.21 24.73 -28.58
C LEU A 371 9.03 26.04 -29.38
N GLY A 372 8.05 26.88 -29.05
CA GLY A 372 7.69 28.08 -29.83
C GLY A 372 7.46 27.75 -31.31
N SER A 373 6.80 26.64 -31.60
CA SER A 373 6.74 26.06 -32.97
C SER A 373 5.32 25.67 -33.35
N LEU A 374 4.72 26.33 -34.34
CA LEU A 374 3.42 25.88 -34.90
C LEU A 374 3.50 24.48 -35.54
N GLU A 375 4.67 24.02 -35.99
CA GLU A 375 4.80 22.67 -36.59
C GLU A 375 4.40 21.58 -35.59
N ALA A 376 4.49 21.84 -34.29
CA ALA A 376 4.10 20.83 -33.28
C ALA A 376 2.60 20.54 -33.32
N LEU A 377 1.79 21.40 -33.96
CA LEU A 377 0.31 21.17 -34.05
C LEU A 377 0.02 20.26 -35.26
N GLU A 378 1.03 19.73 -35.96
CA GLU A 378 0.79 18.91 -37.19
C GLU A 378 1.29 17.48 -37.04
N PRO A 379 0.84 16.72 -36.03
CA PRO A 379 1.32 15.35 -35.88
C PRO A 379 0.85 14.45 -37.04
N VAL A 380 1.60 13.40 -37.36
CA VAL A 380 1.26 12.44 -38.45
C VAL A 380 0.78 11.12 -37.85
N HIS A 381 1.04 10.87 -36.56
CA HIS A 381 0.70 9.59 -35.89
C HIS A 381 0.89 9.75 -34.37
N TYR A 382 0.23 8.87 -33.60
CA TYR A 382 0.27 8.89 -32.11
C TYR A 382 0.17 7.46 -31.60
N GLU A 383 0.99 7.11 -30.59
CA GLU A 383 0.87 5.84 -29.84
C GLU A 383 0.97 6.15 -28.36
N GLU A 384 0.30 5.37 -27.53
CA GLU A 384 0.40 5.61 -26.07
C GLU A 384 0.10 4.30 -25.34
N LYS A 385 0.52 4.23 -24.09
CA LYS A 385 0.14 3.14 -23.19
C LYS A 385 0.03 3.67 -21.74
N ASN A 386 -1.14 3.49 -21.15
CA ASN A 386 -1.40 3.77 -19.73
C ASN A 386 -1.11 2.49 -18.93
N TRP A 387 0.03 2.43 -18.23
CA TRP A 387 0.40 1.17 -17.52
C TRP A 387 -0.45 0.96 -16.25
N CYS A 388 -1.23 1.94 -15.82
CA CYS A 388 -2.12 1.80 -14.62
C CYS A 388 -3.23 0.75 -14.89
N GLU A 389 -3.53 0.43 -16.16
CA GLU A 389 -4.67 -0.48 -16.48
C GLU A 389 -4.25 -1.95 -16.52
N GLU A 390 -2.97 -2.26 -16.39
CA GLU A 390 -2.44 -3.63 -16.57
C GLU A 390 -2.62 -4.50 -15.31
N GLN A 391 -3.48 -5.53 -15.41
CA GLN A 391 -3.74 -6.50 -14.30
C GLN A 391 -2.41 -7.18 -13.90
N TYR A 392 -1.52 -7.47 -14.83
CA TYR A 392 -0.34 -8.30 -14.53
C TYR A 392 0.94 -7.45 -14.47
N SER A 393 0.81 -6.12 -14.34
CA SER A 393 1.91 -5.21 -13.99
C SER A 393 1.56 -4.45 -12.71
N GLY A 394 0.39 -3.81 -12.67
CA GLY A 394 -0.07 -2.99 -11.51
C GLY A 394 0.30 -1.51 -11.63
N GLY A 395 1.15 -1.15 -12.60
CA GLY A 395 1.66 0.20 -12.84
C GLY A 395 3.07 0.16 -13.43
N CYS A 396 3.73 1.33 -13.46
CA CYS A 396 5.11 1.50 -13.97
C CYS A 396 5.66 2.77 -13.32
N TYR A 397 7.00 2.94 -13.29
CA TYR A 397 7.98 1.95 -13.77
C TYR A 397 8.07 0.78 -12.80
N THR A 398 7.90 1.07 -11.50
CA THR A 398 8.32 0.15 -10.42
C THR A 398 7.50 0.39 -9.15
N THR A 399 7.80 -0.44 -8.16
CA THR A 399 7.21 -0.45 -6.81
C THR A 399 7.83 0.68 -5.97
N TYR A 400 6.98 1.50 -5.34
CA TYR A 400 7.40 2.52 -4.35
C TYR A 400 6.98 2.06 -2.95
N PHE A 401 7.69 2.58 -1.95
CA PHE A 401 7.42 2.28 -0.53
C PHE A 401 6.88 3.54 0.15
N PRO A 402 5.64 3.50 0.66
CA PRO A 402 5.11 4.60 1.47
C PRO A 402 5.82 4.71 2.80
N PRO A 403 5.62 5.81 3.57
CA PRO A 403 6.34 6.01 4.83
C PRO A 403 6.14 4.82 5.78
N GLY A 404 7.24 4.40 6.41
CA GLY A 404 7.19 3.39 7.48
C GLY A 404 7.39 1.96 7.01
N ILE A 405 7.30 1.67 5.71
CA ILE A 405 7.22 0.28 5.22
C ILE A 405 8.61 -0.33 5.05
N LEU A 406 9.59 0.40 4.52
CA LEU A 406 10.91 -0.20 4.17
C LEU A 406 11.64 -0.61 5.45
N THR A 407 11.52 0.12 6.56
CA THR A 407 12.20 -0.31 7.82
C THR A 407 11.46 -1.49 8.47
N GLN A 408 10.15 -1.62 8.33
CA GLN A 408 9.37 -2.65 9.03
C GLN A 408 9.38 -3.96 8.23
N TYR A 409 9.40 -3.89 6.89
CA TYR A 409 9.11 -5.06 6.01
C TYR A 409 10.20 -5.30 4.97
N GLY A 410 11.15 -4.37 4.81
CA GLY A 410 12.14 -4.41 3.72
C GLY A 410 13.04 -5.63 3.79
N ARG A 411 13.36 -6.11 4.98
CA ARG A 411 14.27 -7.29 5.10
C ARG A 411 13.63 -8.53 4.47
N VAL A 412 12.31 -8.60 4.26
CA VAL A 412 11.77 -9.89 3.73
C VAL A 412 11.56 -9.85 2.22
N LEU A 413 11.87 -8.75 1.53
CA LEU A 413 11.63 -8.63 0.07
C LEU A 413 12.29 -9.79 -0.70
N ARG A 414 13.55 -10.15 -0.42
CA ARG A 414 14.17 -11.29 -1.14
C ARG A 414 14.55 -12.46 -0.22
N GLN A 415 13.92 -12.56 0.94
CA GLN A 415 14.08 -13.74 1.83
C GLN A 415 13.33 -14.94 1.25
N PRO A 416 14.00 -16.10 0.98
CA PRO A 416 13.28 -17.27 0.47
C PRO A 416 12.18 -17.73 1.43
N VAL A 417 11.10 -18.28 0.87
CA VAL A 417 10.01 -18.90 1.62
C VAL A 417 10.02 -20.41 1.28
N ASP A 418 10.72 -21.19 2.12
CA ASP A 418 10.97 -22.64 1.91
C ASP A 418 11.70 -22.83 0.57
N ARG A 419 11.03 -23.23 -0.52
CA ARG A 419 11.65 -23.52 -1.83
C ARG A 419 11.27 -22.47 -2.88
N ILE A 420 10.64 -21.36 -2.44
CA ILE A 420 10.38 -20.17 -3.29
C ILE A 420 11.50 -19.14 -3.09
N TYR A 421 12.15 -18.74 -4.18
CA TYR A 421 13.19 -17.68 -4.25
C TYR A 421 12.62 -16.49 -5.04
N PHE A 422 13.07 -15.27 -4.75
CA PHE A 422 12.43 -14.04 -5.27
C PHE A 422 13.34 -13.25 -6.19
N ALA A 423 12.91 -13.11 -7.44
CA ALA A 423 13.60 -12.28 -8.46
C ALA A 423 12.78 -11.02 -8.69
N GLY A 424 12.84 -10.43 -9.88
CA GLY A 424 12.16 -9.17 -10.17
C GLY A 424 13.00 -7.96 -9.81
N THR A 425 12.88 -6.90 -10.60
CA THR A 425 13.80 -5.77 -10.49
C THR A 425 13.70 -5.19 -9.05
N GLU A 426 12.54 -5.28 -8.40
CA GLU A 426 12.34 -4.75 -7.02
C GLU A 426 13.34 -5.32 -6.03
N THR A 427 13.90 -6.50 -6.27
CA THR A 427 14.83 -7.21 -5.34
C THR A 427 16.31 -6.97 -5.69
N ALA A 428 16.61 -6.16 -6.71
CA ALA A 428 17.99 -5.76 -7.09
C ALA A 428 18.60 -4.77 -6.09
N THR A 429 19.94 -4.69 -6.10
CA THR A 429 20.74 -3.76 -5.25
C THR A 429 21.45 -2.70 -6.10
N HIS A 430 21.38 -2.77 -7.43
CA HIS A 430 22.00 -1.82 -8.38
C HIS A 430 21.00 -1.63 -9.54
N TRP A 431 20.46 -0.42 -9.71
CA TRP A 431 19.42 -0.09 -10.69
C TRP A 431 18.19 -1.00 -10.52
N SER A 432 17.81 -1.26 -9.27
CA SER A 432 16.42 -1.65 -8.91
C SER A 432 15.44 -0.66 -9.54
N GLY A 433 14.36 -1.19 -10.14
CA GLY A 433 13.35 -0.44 -10.89
C GLY A 433 13.56 -0.47 -12.40
N TYR A 434 14.73 -0.86 -12.87
CA TYR A 434 15.16 -0.85 -14.28
C TYR A 434 15.34 -2.26 -14.84
N MET A 435 15.54 -2.31 -16.15
CA MET A 435 15.88 -3.57 -16.88
C MET A 435 17.18 -4.16 -16.32
N GLU A 436 18.13 -3.30 -15.95
CA GLU A 436 19.41 -3.75 -15.34
C GLU A 436 19.11 -4.54 -14.09
N GLY A 437 18.33 -3.95 -13.17
CA GLY A 437 17.99 -4.63 -11.92
C GLY A 437 17.24 -5.93 -12.15
N ALA A 438 16.41 -6.00 -13.15
CA ALA A 438 15.72 -7.25 -13.49
C ALA A 438 16.74 -8.37 -13.76
N VAL A 439 17.80 -8.04 -14.51
CA VAL A 439 18.84 -9.05 -14.85
C VAL A 439 19.59 -9.43 -13.58
N GLU A 440 19.95 -8.46 -12.74
CA GLU A 440 20.74 -8.73 -11.52
C GLU A 440 19.94 -9.70 -10.64
N ALA A 441 18.67 -9.43 -10.46
CA ALA A 441 17.80 -10.23 -9.54
C ALA A 441 17.49 -11.62 -10.09
N GLY A 442 17.23 -11.73 -11.38
CA GLY A 442 16.93 -13.02 -12.02
C GLY A 442 18.12 -13.97 -11.91
N GLU A 443 19.30 -13.47 -12.21
CA GLU A 443 20.56 -14.27 -12.16
C GLU A 443 20.92 -14.60 -10.73
N ARG A 444 20.72 -13.69 -9.80
CA ARG A 444 21.02 -13.93 -8.37
C ARG A 444 20.08 -15.02 -7.83
N ALA A 445 18.77 -14.90 -8.10
CA ALA A 445 17.79 -15.92 -7.65
C ALA A 445 18.16 -17.31 -8.22
N ALA A 446 18.46 -17.38 -9.52
CA ALA A 446 18.90 -18.66 -10.14
C ALA A 446 20.13 -19.22 -9.41
N ARG A 447 21.12 -18.39 -9.09
CA ARG A 447 22.35 -18.87 -8.40
C ARG A 447 22.01 -19.28 -6.94
N GLU A 448 21.04 -18.64 -6.31
CA GLU A 448 20.61 -19.13 -4.96
C GLU A 448 20.15 -20.59 -5.06
N ILE A 449 19.40 -20.91 -6.09
CA ILE A 449 18.87 -22.29 -6.26
C ILE A 449 20.06 -23.22 -6.62
N LEU A 450 20.97 -22.80 -7.49
CA LEU A 450 22.18 -23.64 -7.80
C LEU A 450 22.97 -23.92 -6.51
N HIS A 451 23.05 -22.97 -5.58
CA HIS A 451 23.73 -23.18 -4.28
C HIS A 451 22.92 -24.16 -3.44
N ALA A 452 21.58 -24.01 -3.33
CA ALA A 452 20.68 -24.93 -2.59
C ALA A 452 20.88 -26.36 -3.11
N MET A 453 21.15 -26.53 -4.40
CA MET A 453 21.36 -27.85 -5.03
C MET A 453 22.79 -28.36 -4.84
N GLY A 454 23.69 -27.59 -4.24
CA GLY A 454 25.13 -27.93 -4.07
C GLY A 454 25.92 -27.89 -5.37
N LYS A 455 25.50 -27.12 -6.39
CA LYS A 455 26.22 -27.03 -7.69
C LYS A 455 27.26 -25.91 -7.67
N ILE A 456 27.14 -24.91 -6.79
CA ILE A 456 28.09 -23.77 -6.70
C ILE A 456 28.28 -23.42 -5.24
N PRO A 457 29.44 -22.87 -4.83
CA PRO A 457 29.62 -22.43 -3.44
C PRO A 457 28.90 -21.11 -3.14
N GLU A 458 28.75 -20.79 -1.85
CA GLU A 458 27.96 -19.62 -1.40
C GLU A 458 28.51 -18.30 -1.98
N ASP A 459 29.85 -18.16 -2.11
CA ASP A 459 30.46 -16.89 -2.60
C ASP A 459 30.19 -16.68 -4.09
N GLU A 460 29.56 -17.59 -4.82
CA GLU A 460 29.21 -17.38 -6.24
C GLU A 460 27.75 -16.95 -6.40
N ILE A 461 26.98 -16.79 -5.33
CA ILE A 461 25.55 -16.38 -5.44
C ILE A 461 25.47 -14.94 -5.99
N TRP A 462 26.24 -14.02 -5.39
CA TRP A 462 26.35 -12.59 -5.80
C TRP A 462 27.61 -12.48 -6.65
N GLN A 463 27.51 -12.06 -7.90
CA GLN A 463 28.65 -11.95 -8.84
C GLN A 463 28.73 -10.55 -9.40
N SER A 464 29.95 -9.99 -9.40
CA SER A 464 30.23 -8.68 -10.02
C SER A 464 30.16 -8.82 -11.53
N GLU A 465 29.98 -7.72 -12.24
CA GLU A 465 29.82 -7.72 -13.72
C GLU A 465 30.94 -6.89 -14.32
N PRO A 466 31.70 -7.44 -15.30
CA PRO A 466 32.70 -6.65 -16.04
C PRO A 466 32.07 -5.40 -16.68
N GLU A 467 32.81 -4.28 -16.73
CA GLU A 467 32.36 -3.04 -17.42
C GLU A 467 32.21 -3.30 -18.92
N SER A 468 31.10 -2.84 -19.52
CA SER A 468 30.87 -2.85 -20.97
C SER A 468 32.03 -2.13 -21.69
N VAL A 469 32.53 -2.73 -22.77
CA VAL A 469 33.58 -2.07 -23.61
C VAL A 469 32.88 -1.16 -24.63
N ASP A 470 31.57 -1.31 -24.86
CA ASP A 470 30.79 -0.52 -25.86
C ASP A 470 30.24 0.75 -25.17
N VAL A 471 29.95 0.70 -23.88
CA VAL A 471 29.28 1.83 -23.18
C VAL A 471 30.11 2.15 -21.96
N PRO A 472 31.24 2.84 -22.14
CA PRO A 472 32.13 3.12 -21.00
C PRO A 472 31.47 4.16 -20.08
N ALA A 473 31.68 4.07 -18.80
CA ALA A 473 31.12 5.02 -17.81
C ALA A 473 32.16 6.09 -17.44
N GLN A 474 31.87 7.36 -17.71
CA GLN A 474 32.63 8.49 -17.17
C GLN A 474 32.28 8.60 -15.69
N PRO A 475 33.28 8.91 -14.84
CA PRO A 475 33.06 9.02 -13.41
C PRO A 475 32.15 10.24 -13.14
N ILE A 476 31.46 10.24 -12.00
CA ILE A 476 30.71 11.43 -11.54
C ILE A 476 31.68 12.28 -10.71
N THR A 477 31.85 13.54 -11.06
CA THR A 477 32.82 14.45 -10.42
C THR A 477 32.06 15.67 -9.96
N THR A 478 32.57 16.34 -8.94
CA THR A 478 32.08 17.66 -8.46
C THR A 478 33.21 18.68 -8.55
N THR A 479 32.88 19.98 -8.55
CA THR A 479 33.89 21.08 -8.46
C THR A 479 34.08 21.47 -7.00
N PHE A 480 35.19 22.15 -6.71
CA PHE A 480 35.48 22.74 -5.38
C PHE A 480 34.27 23.56 -4.88
N LEU A 481 33.73 24.41 -5.72
CA LEU A 481 32.61 25.32 -5.36
C LEU A 481 31.35 24.50 -5.03
N GLU A 482 31.06 23.50 -5.85
CA GLU A 482 29.88 22.61 -5.62
C GLU A 482 30.02 21.96 -4.24
N ARG A 483 31.22 21.48 -3.89
CA ARG A 483 31.44 20.77 -2.60
C ARG A 483 31.34 21.71 -1.41
N HIS A 484 31.79 22.95 -1.50
CA HIS A 484 32.06 23.80 -0.30
C HIS A 484 31.14 25.04 -0.27
N LEU A 485 30.39 25.39 -1.33
CA LEU A 485 29.47 26.56 -1.17
C LEU A 485 28.47 26.27 -0.06
N PRO A 486 28.10 27.27 0.77
CA PRO A 486 27.18 27.04 1.89
C PRO A 486 25.75 26.87 1.37
N SER A 487 24.93 26.19 2.18
CA SER A 487 23.46 26.16 2.03
C SER A 487 22.92 27.55 2.33
N VAL A 488 21.64 27.79 2.09
CA VAL A 488 20.99 29.07 2.51
C VAL A 488 21.07 29.21 4.03
N PRO A 489 20.68 28.22 4.89
CA PRO A 489 20.86 28.38 6.33
C PRO A 489 22.33 28.49 6.78
N GLY A 490 23.25 27.83 6.07
CA GLY A 490 24.70 27.96 6.28
C GLY A 490 25.14 29.41 6.08
N LEU A 491 24.74 30.04 4.98
CA LEU A 491 25.00 31.48 4.72
C LEU A 491 24.39 32.37 5.81
N LEU A 492 23.15 32.11 6.22
CA LEU A 492 22.47 32.93 7.27
C LEU A 492 23.27 32.83 8.58
N ARG A 493 23.72 31.63 8.97
CA ARG A 493 24.59 31.42 10.16
C ARG A 493 25.84 32.28 10.05
N LEU A 494 26.53 32.24 8.90
CA LEU A 494 27.75 33.05 8.62
C LEU A 494 27.45 34.54 8.80
N ILE A 495 26.32 35.05 8.29
CA ILE A 495 25.87 36.48 8.43
C ILE A 495 25.62 36.85 9.91
N GLY A 496 24.84 36.04 10.64
CA GLY A 496 24.61 36.19 12.09
C GLY A 496 25.90 36.28 12.88
N LEU A 497 26.86 35.39 12.61
CA LEU A 497 28.22 35.35 13.25
C LEU A 497 28.94 36.67 13.01
N THR A 498 29.18 37.03 11.73
CA THR A 498 29.89 38.27 11.31
C THR A 498 29.33 39.46 12.09
N THR A 499 28.01 39.63 12.07
CA THR A 499 27.30 40.74 12.77
C THR A 499 27.11 40.34 14.24
N ILE A 500 28.22 40.10 14.96
CA ILE A 500 28.30 39.66 16.39
C ILE A 500 29.77 39.82 16.83
N SER B 1 -22.20 -26.41 -13.82
CA SER B 1 -22.08 -25.18 -12.95
C SER B 1 -23.31 -25.09 -12.03
N ASN B 2 -23.11 -24.60 -10.80
CA ASN B 2 -24.18 -24.40 -9.79
C ASN B 2 -24.84 -23.03 -10.07
N LYS B 3 -26.14 -22.97 -10.39
CA LYS B 3 -26.79 -21.70 -10.83
C LYS B 3 -27.51 -21.08 -9.65
N CYS B 4 -27.44 -19.76 -9.50
CA CYS B 4 -28.19 -19.05 -8.44
C CYS B 4 -28.45 -17.62 -8.91
N ASP B 5 -29.15 -16.83 -8.10
CA ASP B 5 -29.44 -15.40 -8.40
C ASP B 5 -28.16 -14.56 -8.07
N VAL B 6 -27.61 -14.76 -6.87
CA VAL B 6 -26.47 -13.89 -6.38
C VAL B 6 -25.44 -14.81 -5.70
N VAL B 7 -24.18 -14.61 -6.07
CA VAL B 7 -23.02 -15.17 -5.35
C VAL B 7 -22.48 -14.07 -4.43
N VAL B 8 -22.29 -14.43 -3.17
CA VAL B 8 -21.64 -13.54 -2.17
C VAL B 8 -20.27 -14.12 -1.92
N VAL B 9 -19.23 -13.31 -2.19
CA VAL B 9 -17.83 -13.74 -1.93
C VAL B 9 -17.47 -13.26 -0.51
N GLY B 10 -17.29 -14.20 0.40
CA GLY B 10 -16.96 -13.90 1.79
C GLY B 10 -18.11 -14.14 2.75
N GLY B 11 -17.83 -14.86 3.83
CA GLY B 11 -18.81 -15.23 4.87
C GLY B 11 -18.48 -14.60 6.19
N GLY B 12 -17.96 -13.38 6.17
CA GLY B 12 -17.93 -12.55 7.38
C GLY B 12 -19.28 -11.94 7.67
N ILE B 13 -19.35 -11.02 8.63
CA ILE B 13 -20.63 -10.38 8.98
C ILE B 13 -21.21 -9.66 7.77
N SER B 14 -20.41 -8.98 6.98
CA SER B 14 -20.95 -8.21 5.84
C SER B 14 -21.57 -9.17 4.80
N GLY B 15 -20.86 -10.20 4.36
CA GLY B 15 -21.34 -11.20 3.39
C GLY B 15 -22.59 -11.93 3.92
N MET B 16 -22.58 -12.31 5.19
CA MET B 16 -23.71 -13.03 5.84
C MET B 16 -24.92 -12.07 5.89
N ALA B 17 -24.73 -10.82 6.29
CA ALA B 17 -25.84 -9.84 6.37
C ALA B 17 -26.47 -9.63 4.98
N ALA B 18 -25.64 -9.49 3.94
CA ALA B 18 -26.13 -9.32 2.54
C ALA B 18 -26.91 -10.58 2.13
N ALA B 19 -26.35 -11.76 2.36
CA ALA B 19 -26.98 -13.04 1.93
C ALA B 19 -28.32 -13.21 2.65
N LYS B 20 -28.38 -12.95 3.95
CA LYS B 20 -29.65 -13.05 4.71
C LYS B 20 -30.71 -12.12 4.10
N LEU B 21 -30.37 -10.85 3.81
CA LEU B 21 -31.36 -9.91 3.24
C LEU B 21 -31.88 -10.41 1.86
N LEU B 22 -31.00 -10.90 1.00
CA LEU B 22 -31.39 -11.40 -0.35
C LEU B 22 -32.23 -12.67 -0.17
N HIS B 23 -31.82 -13.61 0.69
CA HIS B 23 -32.58 -14.86 0.98
C HIS B 23 -33.99 -14.50 1.47
N ASP B 24 -34.10 -13.56 2.42
CA ASP B 24 -35.39 -13.15 3.03
C ASP B 24 -36.29 -12.53 1.95
N SER B 25 -35.72 -11.92 0.89
CA SER B 25 -36.50 -11.32 -0.22
CA SER B 25 -36.47 -11.32 -0.25
C SER B 25 -36.89 -12.40 -1.26
N GLY B 26 -36.48 -13.65 -1.09
CA GLY B 26 -36.86 -14.77 -1.98
C GLY B 26 -35.85 -15.08 -3.08
N LEU B 27 -34.64 -14.50 -3.08
CA LEU B 27 -33.62 -14.87 -4.09
C LEU B 27 -32.81 -16.07 -3.60
N ASN B 28 -32.30 -16.83 -4.56
CA ASN B 28 -31.40 -17.98 -4.34
C ASN B 28 -29.95 -17.46 -4.25
N VAL B 29 -29.37 -17.54 -3.06
CA VAL B 29 -28.01 -17.00 -2.79
C VAL B 29 -27.07 -18.15 -2.46
N VAL B 30 -25.81 -17.97 -2.84
CA VAL B 30 -24.72 -18.85 -2.41
C VAL B 30 -23.64 -17.96 -1.78
N VAL B 31 -23.10 -18.41 -0.65
CA VAL B 31 -21.94 -17.72 -0.01
C VAL B 31 -20.70 -18.58 -0.24
N LEU B 32 -19.67 -18.03 -0.85
CA LEU B 32 -18.42 -18.77 -1.11
C LEU B 32 -17.42 -18.22 -0.07
N GLU B 33 -16.99 -19.07 0.87
CA GLU B 33 -16.07 -18.69 1.99
C GLU B 33 -14.74 -19.44 1.84
N ALA B 34 -13.61 -18.73 1.85
CA ALA B 34 -12.27 -19.31 1.68
C ALA B 34 -11.91 -20.26 2.83
N ARG B 35 -12.25 -19.90 4.09
CA ARG B 35 -11.83 -20.65 5.29
C ARG B 35 -12.72 -21.84 5.52
N ASP B 36 -12.31 -22.70 6.46
CA ASP B 36 -13.15 -23.78 7.01
C ASP B 36 -14.09 -23.28 8.13
N ARG B 37 -14.34 -21.98 8.24
CA ARG B 37 -15.25 -21.37 9.21
C ARG B 37 -15.84 -20.10 8.63
N VAL B 38 -16.95 -19.67 9.19
CA VAL B 38 -17.48 -18.31 8.92
C VAL B 38 -16.99 -17.33 9.97
N GLY B 39 -17.23 -16.06 9.74
CA GLY B 39 -16.98 -14.99 10.75
C GLY B 39 -15.84 -14.04 10.40
N GLY B 40 -14.85 -14.48 9.63
CA GLY B 40 -13.81 -13.56 9.12
C GLY B 40 -12.99 -12.95 10.27
N ARG B 41 -13.03 -11.65 10.39
CA ARG B 41 -12.27 -10.92 11.43
C ARG B 41 -12.97 -11.01 12.78
N THR B 42 -14.13 -11.69 12.86
CA THR B 42 -14.66 -12.21 14.16
C THR B 42 -14.35 -13.69 14.27
N TYR B 43 -13.99 -14.15 15.47
CA TYR B 43 -13.64 -15.56 15.74
C TYR B 43 -13.84 -15.79 17.24
N THR B 44 -14.80 -16.61 17.58
CA THR B 44 -15.05 -16.99 18.99
C THR B 44 -14.52 -18.43 19.19
N LEU B 45 -13.55 -18.60 20.07
CA LEU B 45 -13.00 -19.93 20.45
C LEU B 45 -13.72 -20.42 21.70
N ARG B 46 -14.11 -21.70 21.74
CA ARG B 46 -14.75 -22.32 22.95
C ARG B 46 -13.80 -23.42 23.47
N ASN B 47 -13.54 -23.44 24.79
CA ASN B 47 -12.90 -24.58 25.50
C ASN B 47 -13.29 -24.49 26.96
N GLN B 48 -12.98 -25.53 27.76
CA GLN B 48 -13.45 -25.58 29.16
C GLN B 48 -12.75 -24.48 29.98
N LYS B 49 -11.55 -24.08 29.59
CA LYS B 49 -10.75 -23.11 30.42
C LYS B 49 -11.34 -21.69 30.30
N VAL B 50 -11.91 -21.30 29.14
CA VAL B 50 -12.39 -19.91 28.89
C VAL B 50 -13.91 -19.85 28.77
N LYS B 51 -14.56 -21.00 28.61
CA LYS B 51 -15.96 -21.17 28.16
C LYS B 51 -16.04 -20.68 26.70
N TYR B 52 -15.95 -19.39 26.48
CA TYR B 52 -15.85 -18.79 25.12
C TYR B 52 -14.96 -17.53 25.19
N VAL B 53 -14.28 -17.18 24.11
CA VAL B 53 -13.48 -15.92 24.08
C VAL B 53 -13.50 -15.39 22.65
N ASP B 54 -13.70 -14.08 22.51
CA ASP B 54 -13.57 -13.36 21.23
C ASP B 54 -12.10 -13.09 20.95
N LEU B 55 -11.50 -13.70 19.93
CA LEU B 55 -10.09 -13.46 19.54
C LEU B 55 -10.03 -12.41 18.43
N GLY B 56 -11.18 -12.08 17.80
CA GLY B 56 -11.33 -11.00 16.84
C GLY B 56 -12.23 -9.91 17.36
N GLY B 57 -13.02 -9.31 16.49
CA GLY B 57 -13.92 -8.23 16.89
C GLY B 57 -14.90 -8.69 17.98
N SER B 58 -15.17 -7.83 18.95
CA SER B 58 -15.95 -8.22 20.16
C SER B 58 -16.97 -7.15 20.61
N TYR B 59 -16.56 -5.88 20.62
CA TYR B 59 -17.30 -4.81 21.35
C TYR B 59 -18.37 -4.19 20.44
N VAL B 60 -19.50 -3.87 21.06
CA VAL B 60 -20.57 -3.08 20.43
C VAL B 60 -21.03 -2.02 21.42
N GLY B 61 -21.67 -0.97 20.92
CA GLY B 61 -22.12 0.11 21.81
C GLY B 61 -23.18 0.98 21.19
N PRO B 62 -23.60 1.97 21.99
CA PRO B 62 -24.64 2.90 21.55
C PRO B 62 -24.29 3.56 20.22
N THR B 63 -25.34 3.73 19.41
CA THR B 63 -25.36 4.28 18.05
C THR B 63 -25.03 3.19 17.02
N GLN B 64 -24.60 1.99 17.43
CA GLN B 64 -24.37 0.87 16.47
C GLN B 64 -25.68 0.07 16.34
N ASN B 65 -26.70 0.67 15.76
CA ASN B 65 -28.09 0.12 15.84
C ASN B 65 -28.29 -1.06 14.89
N ARG B 66 -27.53 -1.15 13.79
CA ARG B 66 -27.72 -2.26 12.84
C ARG B 66 -27.18 -3.60 13.39
N ILE B 67 -26.00 -3.62 13.96
CA ILE B 67 -25.42 -4.88 14.51
C ILE B 67 -26.28 -5.29 15.71
N LEU B 68 -26.76 -4.34 16.50
CA LEU B 68 -27.59 -4.69 17.66
C LEU B 68 -28.95 -5.29 17.22
N ARG B 69 -29.54 -4.77 16.16
CA ARG B 69 -30.84 -5.27 15.62
C ARG B 69 -30.65 -6.66 15.01
N LEU B 70 -29.62 -6.88 14.20
CA LEU B 70 -29.30 -8.18 13.56
C LEU B 70 -29.04 -9.22 14.65
N ALA B 71 -28.20 -8.91 15.65
CA ALA B 71 -27.89 -9.88 16.71
C ALA B 71 -29.16 -10.22 17.51
N LYS B 72 -29.97 -9.22 17.81
CA LYS B 72 -31.23 -9.47 18.57
C LYS B 72 -32.18 -10.38 17.79
N GLU B 73 -32.26 -10.21 16.48
CA GLU B 73 -33.13 -11.08 15.64
C GLU B 73 -32.64 -12.52 15.63
N LEU B 74 -31.32 -12.74 15.67
CA LEU B 74 -30.70 -14.05 15.76
C LEU B 74 -30.73 -14.65 17.18
N GLY B 75 -31.25 -13.94 18.18
CA GLY B 75 -31.45 -14.46 19.55
C GLY B 75 -30.30 -14.13 20.50
N LEU B 76 -29.41 -13.20 20.16
CA LEU B 76 -28.24 -12.85 21.01
C LEU B 76 -28.59 -11.74 22.01
N GLU B 77 -27.86 -11.68 23.11
CA GLU B 77 -28.00 -10.69 24.20
C GLU B 77 -26.61 -10.08 24.42
N THR B 78 -26.58 -8.88 24.98
CA THR B 78 -25.31 -8.20 25.34
C THR B 78 -25.16 -8.13 26.87
N TYR B 79 -23.93 -7.88 27.33
CA TYR B 79 -23.66 -7.48 28.71
C TYR B 79 -22.65 -6.36 28.68
N LYS B 80 -22.57 -5.63 29.78
CA LYS B 80 -21.70 -4.43 29.84
C LYS B 80 -20.27 -4.80 30.25
N VAL B 81 -19.30 -4.22 29.53
CA VAL B 81 -17.86 -4.32 29.88
C VAL B 81 -17.70 -3.65 31.23
N ASN B 82 -16.93 -4.26 32.13
CA ASN B 82 -16.84 -3.72 33.51
C ASN B 82 -16.16 -2.33 33.52
N GLU B 83 -16.87 -1.29 33.96
CA GLU B 83 -16.30 0.07 34.11
C GLU B 83 -16.83 0.68 35.42
N VAL B 84 -17.08 -0.14 36.44
CA VAL B 84 -17.60 0.35 37.74
C VAL B 84 -16.51 1.12 38.51
N GLU B 85 -15.28 0.60 38.57
CA GLU B 85 -14.19 1.15 39.41
C GLU B 85 -13.32 2.08 38.55
N ARG B 86 -12.13 2.42 39.03
CA ARG B 86 -11.30 3.47 38.37
C ARG B 86 -10.53 2.89 37.19
N LEU B 87 -10.37 3.74 36.17
CA LEU B 87 -9.43 3.50 35.06
C LEU B 87 -8.01 3.83 35.52
N ILE B 88 -6.99 3.33 34.83
CA ILE B 88 -5.58 3.69 35.14
C ILE B 88 -4.92 4.31 33.91
N HIS B 89 -4.21 5.43 34.10
CA HIS B 89 -3.24 5.95 33.12
C HIS B 89 -1.84 5.72 33.73
N HIS B 90 -0.98 4.94 33.07
CA HIS B 90 0.38 4.65 33.56
C HIS B 90 1.36 5.52 32.77
N VAL B 91 1.97 6.49 33.45
CA VAL B 91 2.80 7.57 32.83
C VAL B 91 4.15 7.58 33.52
N LYS B 92 5.24 7.53 32.75
CA LYS B 92 6.62 7.62 33.33
C LYS B 92 6.74 6.65 34.52
N GLY B 93 6.32 5.39 34.33
CA GLY B 93 6.53 4.34 35.33
C GLY B 93 5.65 4.44 36.57
N LYS B 94 4.55 5.21 36.56
CA LYS B 94 3.63 5.32 37.72
C LYS B 94 2.17 5.25 37.27
N SER B 95 1.31 4.61 38.09
CA SER B 95 -0.15 4.50 37.81
C SER B 95 -0.92 5.68 38.44
N TYR B 96 -1.74 6.34 37.61
CA TYR B 96 -2.62 7.45 38.03
C TYR B 96 -4.07 7.06 37.79
N PRO B 97 -4.80 6.66 38.84
CA PRO B 97 -6.20 6.26 38.66
C PRO B 97 -7.10 7.45 38.34
N PHE B 98 -8.15 7.22 37.56
CA PHE B 98 -9.07 8.30 37.17
C PHE B 98 -10.46 7.75 36.87
N ARG B 99 -11.40 8.68 36.71
CA ARG B 99 -12.79 8.43 36.27
C ARG B 99 -13.08 9.34 35.07
N GLY B 100 -14.03 8.95 34.23
CA GLY B 100 -14.45 9.70 33.04
C GLY B 100 -13.56 9.23 31.90
N PRO B 101 -13.93 9.51 30.64
CA PRO B 101 -13.31 8.78 29.54
C PRO B 101 -11.90 9.22 29.21
N PHE B 102 -11.57 10.49 29.42
CA PHE B 102 -10.29 11.12 29.01
C PHE B 102 -9.34 11.18 30.21
N PRO B 103 -8.11 10.69 30.04
CA PRO B 103 -7.12 10.73 31.10
C PRO B 103 -6.85 12.21 31.42
N PRO B 104 -6.95 12.62 32.68
CA PRO B 104 -6.78 14.02 33.04
C PRO B 104 -5.31 14.46 33.18
N VAL B 105 -5.08 15.77 33.15
CA VAL B 105 -3.72 16.35 33.35
C VAL B 105 -3.87 17.50 34.32
N TRP B 106 -2.76 17.77 35.01
CA TRP B 106 -2.73 18.74 36.13
C TRP B 106 -1.95 20.02 35.77
N ASN B 107 -0.91 19.92 34.95
CA ASN B 107 -0.09 21.10 34.57
C ASN B 107 -0.97 21.99 33.69
N PRO B 108 -1.07 23.32 33.95
CA PRO B 108 -1.97 24.20 33.19
C PRO B 108 -1.64 24.31 31.68
N ILE B 109 -0.36 24.26 31.33
CA ILE B 109 0.08 24.36 29.91
C ILE B 109 -0.34 23.06 29.22
N THR B 110 0.01 21.94 29.82
CA THR B 110 -0.32 20.59 29.30
C THR B 110 -1.84 20.46 29.21
N TYR B 111 -2.57 20.94 30.20
CA TYR B 111 -4.06 20.97 30.19
C TYR B 111 -4.57 21.67 28.94
N LEU B 112 -4.11 22.89 28.63
CA LEU B 112 -4.62 23.60 27.41
C LEU B 112 -4.27 22.79 26.14
N ASP B 113 -3.07 22.20 26.10
CA ASP B 113 -2.58 21.48 24.88
C ASP B 113 -3.45 20.24 24.67
N HIS B 114 -3.71 19.44 25.71
CA HIS B 114 -4.58 18.22 25.61
C HIS B 114 -5.99 18.64 25.20
N ASN B 115 -6.57 19.64 25.88
CA ASN B 115 -7.93 20.13 25.57
C ASN B 115 -8.03 20.52 24.09
N ASN B 116 -7.05 21.24 23.59
CA ASN B 116 -7.02 21.74 22.20
C ASN B 116 -6.91 20.59 21.23
N PHE B 117 -6.14 19.57 21.57
CA PHE B 117 -5.91 18.41 20.65
C PHE B 117 -7.24 17.72 20.39
N TRP B 118 -8.01 17.37 21.43
CA TRP B 118 -9.24 16.58 21.24
C TRP B 118 -10.28 17.47 20.55
N ARG B 119 -10.34 18.76 20.95
CA ARG B 119 -11.30 19.72 20.38
C ARG B 119 -11.03 19.90 18.87
N THR B 120 -9.77 20.01 18.50
CA THR B 120 -9.34 20.20 17.10
C THR B 120 -9.64 18.97 16.23
N MET B 121 -9.47 17.76 16.74
CA MET B 121 -9.86 16.53 15.98
C MET B 121 -11.36 16.61 15.60
N ASP B 122 -12.24 17.02 16.52
CA ASP B 122 -13.69 17.09 16.24
C ASP B 122 -14.00 18.34 15.39
N ASP B 123 -13.33 19.46 15.58
CA ASP B 123 -13.55 20.66 14.69
C ASP B 123 -13.23 20.30 13.23
N MET B 124 -12.10 19.61 12.99
CA MET B 124 -11.70 19.25 11.61
C MET B 124 -12.73 18.26 11.06
N GLY B 125 -13.19 17.29 11.86
CA GLY B 125 -14.17 16.30 11.43
C GLY B 125 -15.48 16.91 10.95
N ARG B 126 -15.91 18.03 11.52
CA ARG B 126 -17.20 18.64 11.13
C ARG B 126 -17.18 19.13 9.70
N GLU B 127 -15.99 19.27 9.08
CA GLU B 127 -15.89 19.68 7.64
C GLU B 127 -15.72 18.46 6.72
N ILE B 128 -15.82 17.22 7.23
CA ILE B 128 -15.55 16.02 6.38
C ILE B 128 -16.87 15.27 6.20
N PRO B 129 -17.47 15.23 4.98
CA PRO B 129 -18.67 14.43 4.78
C PRO B 129 -18.41 12.94 5.01
N SER B 130 -19.28 12.28 5.77
CA SER B 130 -19.12 10.83 6.08
C SER B 130 -19.13 9.98 4.82
N ASP B 131 -20.00 10.32 3.87
CA ASP B 131 -20.19 9.56 2.63
C ASP B 131 -19.26 10.01 1.50
N ALA B 132 -18.35 10.96 1.74
CA ALA B 132 -17.48 11.52 0.68
C ALA B 132 -16.39 12.36 1.32
N PRO B 133 -15.45 11.75 2.08
CA PRO B 133 -14.41 12.55 2.73
C PRO B 133 -13.54 13.33 1.74
N TRP B 134 -13.44 12.88 0.50
CA TRP B 134 -12.69 13.54 -0.60
C TRP B 134 -13.36 14.88 -0.97
N LYS B 135 -14.57 15.15 -0.48
CA LYS B 135 -15.25 16.45 -0.71
C LYS B 135 -15.00 17.42 0.44
N ALA B 136 -14.17 17.09 1.42
CA ALA B 136 -13.85 18.07 2.47
C ALA B 136 -13.24 19.28 1.78
N PRO B 137 -13.51 20.50 2.28
CA PRO B 137 -12.95 21.72 1.66
C PRO B 137 -11.40 21.70 1.59
N LEU B 138 -10.73 21.17 2.60
CA LEU B 138 -9.24 21.02 2.60
C LEU B 138 -8.82 19.57 2.34
N ALA B 139 -9.58 18.81 1.56
CA ALA B 139 -9.29 17.37 1.39
C ALA B 139 -7.85 17.14 0.94
N GLU B 140 -7.36 17.86 -0.07
CA GLU B 140 -6.01 17.62 -0.63
C GLU B 140 -4.94 17.95 0.41
N GLU B 141 -5.06 19.11 1.06
CA GLU B 141 -4.09 19.52 2.08
C GLU B 141 -3.99 18.46 3.18
N TRP B 142 -5.14 18.04 3.69
CA TRP B 142 -5.15 17.04 4.80
C TRP B 142 -4.75 15.64 4.31
N ASP B 143 -5.05 15.27 3.09
CA ASP B 143 -4.73 13.90 2.61
C ASP B 143 -3.22 13.80 2.34
N ASN B 144 -2.56 14.93 2.10
CA ASN B 144 -1.13 14.95 1.68
C ASN B 144 -0.18 15.02 2.88
N MET B 145 -0.73 14.96 4.08
CA MET B 145 0.09 14.90 5.30
C MET B 145 -0.25 13.64 6.09
N THR B 146 0.71 13.10 6.83
CA THR B 146 0.44 11.97 7.75
C THR B 146 -0.13 12.50 9.08
N MET B 147 -0.71 11.61 9.90
CA MET B 147 -1.11 11.99 11.27
C MET B 147 0.12 12.42 12.08
N LYS B 148 1.33 11.91 11.77
CA LYS B 148 2.56 12.32 12.50
C LYS B 148 2.82 13.82 12.26
N GLU B 149 2.73 14.25 11.02
CA GLU B 149 2.92 15.68 10.68
C GLU B 149 1.85 16.55 11.34
N LEU B 150 0.59 16.14 11.32
CA LEU B 150 -0.51 16.93 11.98
C LEU B 150 -0.22 17.05 13.49
N LEU B 151 0.16 15.96 14.14
CA LEU B 151 0.42 15.97 15.59
C LEU B 151 1.63 16.86 15.89
N ASP B 152 2.65 16.80 15.04
CA ASP B 152 3.84 17.70 15.16
C ASP B 152 3.40 19.17 15.15
N LYS B 153 2.49 19.59 14.28
CA LYS B 153 1.96 20.97 14.21
C LYS B 153 1.10 21.28 15.44
N LEU B 154 0.19 20.38 15.84
CA LEU B 154 -0.88 20.70 16.81
C LEU B 154 -0.36 20.66 18.27
N CYS B 155 0.48 19.71 18.60
CA CYS B 155 0.85 19.37 20.00
C CYS B 155 2.10 20.16 20.40
N TRP B 156 1.93 21.13 21.28
CA TRP B 156 3.06 21.91 21.85
C TRP B 156 3.75 21.20 23.01
N THR B 157 3.16 20.15 23.59
CA THR B 157 3.74 19.35 24.69
C THR B 157 3.98 17.92 24.21
N GLU B 158 5.01 17.30 24.74
CA GLU B 158 5.33 15.87 24.51
C GLU B 158 4.24 15.00 25.14
N SER B 159 3.66 15.46 26.24
CA SER B 159 2.55 14.76 26.94
C SER B 159 1.39 14.55 25.96
N ALA B 160 0.90 15.63 25.36
CA ALA B 160 -0.23 15.59 24.42
C ALA B 160 0.17 14.71 23.22
N LYS B 161 1.38 14.90 22.69
CA LYS B 161 1.81 14.21 21.46
C LYS B 161 1.87 12.69 21.71
N GLN B 162 2.35 12.26 22.86
CA GLN B 162 2.43 10.83 23.22
C GLN B 162 1.01 10.25 23.41
N LEU B 163 0.09 10.97 24.06
CA LEU B 163 -1.28 10.43 24.22
C LEU B 163 -2.01 10.39 22.86
N ALA B 164 -1.86 11.41 22.02
CA ALA B 164 -2.46 11.44 20.66
C ALA B 164 -1.92 10.26 19.85
N THR B 165 -0.62 9.96 19.98
CA THR B 165 0.03 8.83 19.27
C THR B 165 -0.64 7.50 19.69
N LEU B 166 -0.84 7.31 21.01
CA LEU B 166 -1.49 6.09 21.52
C LEU B 166 -2.91 5.99 20.93
N PHE B 167 -3.62 7.11 20.90
CA PHE B 167 -4.99 7.23 20.36
C PHE B 167 -5.03 6.71 18.92
N VAL B 168 -4.10 7.21 18.07
CA VAL B 168 -4.01 6.71 16.66
C VAL B 168 -3.72 5.22 16.63
N ASN B 169 -2.67 4.80 17.33
CA ASN B 169 -2.22 3.41 17.31
C ASN B 169 -3.40 2.48 17.72
N LEU B 170 -4.18 2.85 18.73
CA LEU B 170 -5.25 2.00 19.30
C LEU B 170 -6.45 2.00 18.36
N CYS B 171 -6.83 3.13 17.78
CA CYS B 171 -8.05 3.21 16.92
C CYS B 171 -7.83 2.45 15.62
N VAL B 172 -6.63 2.53 15.01
CA VAL B 172 -6.46 2.07 13.60
C VAL B 172 -5.24 1.15 13.45
N THR B 173 -4.66 0.64 14.56
CA THR B 173 -3.59 -0.39 14.60
C THR B 173 -2.49 -0.06 13.57
N ALA B 174 -2.12 1.22 13.51
CA ALA B 174 -1.08 1.71 12.59
C ALA B 174 -0.37 2.88 13.24
N GLU B 175 0.83 3.13 12.74
CA GLU B 175 1.67 4.23 13.20
C GLU B 175 1.14 5.56 12.65
N THR B 176 1.41 6.66 13.39
CA THR B 176 0.96 7.99 12.96
C THR B 176 1.58 8.35 11.60
N HIS B 177 2.82 7.93 11.33
CA HIS B 177 3.51 8.23 10.05
C HIS B 177 3.01 7.36 8.89
N GLU B 178 2.27 6.28 9.13
CA GLU B 178 1.78 5.38 8.07
C GLU B 178 0.49 5.93 7.44
N VAL B 179 -0.32 6.72 8.16
CA VAL B 179 -1.74 7.03 7.79
C VAL B 179 -1.92 8.51 7.37
N SER B 180 -2.78 8.73 6.38
CA SER B 180 -3.32 10.06 5.99
C SER B 180 -4.08 10.74 7.14
N ALA B 181 -3.79 12.01 7.37
CA ALA B 181 -4.56 12.84 8.32
C ALA B 181 -6.02 12.92 7.87
N LEU B 182 -6.31 13.18 6.59
CA LEU B 182 -7.72 13.22 6.13
C LEU B 182 -8.42 11.91 6.47
N TRP B 183 -7.79 10.77 6.16
CA TRP B 183 -8.46 9.46 6.36
C TRP B 183 -8.71 9.27 7.87
N PHE B 184 -7.74 9.55 8.73
CA PHE B 184 -7.88 9.32 10.17
C PHE B 184 -9.00 10.23 10.73
N LEU B 185 -9.00 11.50 10.33
CA LEU B 185 -10.03 12.45 10.83
C LEU B 185 -11.43 12.00 10.36
N TRP B 186 -11.55 11.51 9.13
CA TRP B 186 -12.81 10.90 8.64
C TRP B 186 -13.17 9.74 9.56
N TYR B 187 -12.20 8.86 9.83
CA TYR B 187 -12.49 7.61 10.55
C TYR B 187 -13.12 7.92 11.92
N VAL B 188 -12.56 8.90 12.61
CA VAL B 188 -13.06 9.31 13.96
C VAL B 188 -14.45 9.92 13.80
N LYS B 189 -14.61 10.84 12.86
CA LYS B 189 -15.88 11.57 12.68
C LYS B 189 -17.01 10.60 12.32
N GLN B 190 -16.73 9.59 11.49
CA GLN B 190 -17.79 8.61 11.06
C GLN B 190 -18.15 7.60 12.17
N CYS B 191 -17.44 7.57 13.30
CA CYS B 191 -17.87 6.82 14.51
C CYS B 191 -18.58 7.76 15.50
N GLY B 192 -18.73 9.03 15.17
CA GLY B 192 -19.43 9.97 16.06
C GLY B 192 -18.52 10.91 16.86
N GLY B 193 -17.21 10.92 16.58
CA GLY B 193 -16.24 11.81 17.21
C GLY B 193 -15.41 11.19 18.32
N THR B 194 -14.55 11.99 18.92
CA THR B 194 -13.50 11.50 19.84
C THR B 194 -14.18 10.83 21.05
N THR B 195 -15.14 11.50 21.69
CA THR B 195 -15.74 10.95 22.95
C THR B 195 -16.35 9.58 22.63
N ARG B 196 -17.12 9.50 21.55
CA ARG B 196 -17.85 8.27 21.24
C ARG B 196 -16.86 7.14 20.95
N ILE B 197 -15.78 7.40 20.20
CA ILE B 197 -14.88 6.29 19.79
C ILE B 197 -14.03 5.81 20.97
N ILE B 198 -13.66 6.68 21.91
CA ILE B 198 -12.74 6.25 23.00
C ILE B 198 -13.51 5.69 24.21
N SER B 199 -14.81 5.91 24.30
CA SER B 199 -15.57 5.63 25.53
C SER B 199 -15.95 4.13 25.65
N THR B 200 -15.91 3.59 26.87
CA THR B 200 -16.55 2.29 27.22
C THR B 200 -18.03 2.63 27.55
N THR B 201 -18.30 3.19 28.73
CA THR B 201 -19.66 3.69 29.05
C THR B 201 -20.04 4.73 27.97
N ASN B 202 -21.18 4.54 27.30
CA ASN B 202 -21.75 5.45 26.29
C ASN B 202 -20.86 5.52 25.03
N GLY B 203 -20.02 4.51 24.70
CA GLY B 203 -19.23 4.56 23.46
C GLY B 203 -19.04 3.19 22.85
N GLY B 204 -18.09 3.08 21.94
CA GLY B 204 -17.86 1.86 21.13
C GLY B 204 -17.54 0.63 21.95
N GLN B 205 -16.94 0.76 23.15
CA GLN B 205 -16.52 -0.45 23.90
C GLN B 205 -17.51 -0.76 25.03
N GLU B 206 -18.78 -0.34 24.95
CA GLU B 206 -19.70 -0.47 26.11
C GLU B 206 -20.04 -1.93 26.40
N ARG B 207 -20.24 -2.75 25.35
CA ARG B 207 -20.87 -4.06 25.52
C ARG B 207 -20.13 -5.16 24.78
N LYS B 208 -20.41 -6.41 25.14
CA LYS B 208 -19.98 -7.59 24.33
C LYS B 208 -21.19 -8.52 24.20
N PHE B 209 -21.17 -9.45 23.26
CA PHE B 209 -22.28 -10.43 23.13
C PHE B 209 -22.05 -11.61 24.08
N VAL B 210 -23.11 -12.00 24.79
CA VAL B 210 -23.13 -13.24 25.59
C VAL B 210 -22.85 -14.42 24.65
N GLY B 211 -21.80 -15.20 24.90
CA GLY B 211 -21.44 -16.35 24.05
C GLY B 211 -20.53 -16.03 22.86
N GLY B 212 -20.27 -14.74 22.56
CA GLY B 212 -19.26 -14.36 21.56
C GLY B 212 -19.86 -13.81 20.27
N SER B 213 -19.16 -12.88 19.61
CA SER B 213 -19.67 -12.23 18.38
C SER B 213 -19.67 -13.20 17.18
N GLY B 214 -18.88 -14.25 17.21
CA GLY B 214 -18.85 -15.30 16.16
C GLY B 214 -20.24 -15.87 15.92
N GLN B 215 -21.12 -15.80 16.92
CA GLN B 215 -22.50 -16.33 16.83
C GLN B 215 -23.30 -15.55 15.77
N VAL B 216 -22.98 -14.29 15.47
CA VAL B 216 -23.71 -13.56 14.39
C VAL B 216 -23.54 -14.32 13.06
N SER B 217 -22.31 -14.59 12.61
CA SER B 217 -22.03 -15.26 11.33
C SER B 217 -22.50 -16.72 11.39
N GLU B 218 -22.26 -17.40 12.52
CA GLU B 218 -22.62 -18.84 12.68
C GLU B 218 -24.14 -18.97 12.58
N ARG B 219 -24.91 -18.11 13.22
CA ARG B 219 -26.37 -18.29 13.22
C ARG B 219 -26.98 -17.93 11.86
N ILE B 220 -26.38 -17.01 11.10
CA ILE B 220 -26.82 -16.79 9.70
C ILE B 220 -26.43 -18.01 8.85
N MET B 221 -25.27 -18.59 9.03
CA MET B 221 -24.92 -19.86 8.35
C MET B 221 -25.94 -20.96 8.72
N ASP B 222 -26.40 -20.99 9.96
CA ASP B 222 -27.44 -22.00 10.41
C ASP B 222 -28.70 -21.77 9.56
N LEU B 223 -29.13 -20.53 9.39
CA LEU B 223 -30.34 -20.24 8.58
C LEU B 223 -30.11 -20.70 7.13
N LEU B 224 -28.96 -20.41 6.54
CA LEU B 224 -28.82 -20.60 5.08
C LEU B 224 -28.56 -22.07 4.72
N GLY B 225 -28.08 -22.90 5.68
CA GLY B 225 -27.68 -24.32 5.51
C GLY B 225 -26.62 -24.51 4.46
N ASP B 226 -26.94 -25.31 3.44
CA ASP B 226 -25.91 -25.73 2.47
C ASP B 226 -25.75 -24.68 1.37
N ARG B 227 -26.36 -23.50 1.48
CA ARG B 227 -26.06 -22.34 0.61
C ARG B 227 -24.69 -21.74 0.96
N VAL B 228 -24.14 -22.06 2.13
CA VAL B 228 -22.79 -21.60 2.54
C VAL B 228 -21.79 -22.71 2.21
N LYS B 229 -20.80 -22.39 1.37
CA LYS B 229 -19.77 -23.33 0.88
C LYS B 229 -18.46 -22.94 1.56
N LEU B 230 -17.99 -23.74 2.52
CA LEU B 230 -16.73 -23.50 3.23
C LEU B 230 -15.56 -24.04 2.43
N GLU B 231 -14.34 -23.49 2.57
CA GLU B 231 -13.13 -23.96 1.83
C GLU B 231 -13.37 -23.84 0.31
N ARG B 232 -13.99 -22.73 -0.08
CA ARG B 232 -14.19 -22.32 -1.47
C ARG B 232 -13.56 -20.94 -1.68
N PRO B 233 -12.22 -20.79 -1.67
CA PRO B 233 -11.60 -19.51 -2.05
C PRO B 233 -11.91 -19.19 -3.51
N VAL B 234 -12.44 -18.01 -3.77
CA VAL B 234 -12.69 -17.49 -5.15
C VAL B 234 -11.37 -17.07 -5.79
N ILE B 235 -11.14 -17.56 -7.02
CA ILE B 235 -9.88 -17.29 -7.80
C ILE B 235 -10.15 -16.51 -9.10
N TYR B 236 -11.39 -16.47 -9.59
CA TYR B 236 -11.67 -16.01 -10.97
C TYR B 236 -13.13 -15.60 -11.09
N ILE B 237 -13.35 -14.39 -11.59
CA ILE B 237 -14.68 -13.86 -11.92
C ILE B 237 -14.67 -13.42 -13.39
N ASP B 238 -15.64 -13.95 -14.16
CA ASP B 238 -15.78 -13.70 -15.62
C ASP B 238 -17.14 -13.05 -15.87
N GLN B 239 -17.11 -11.84 -16.41
CA GLN B 239 -18.32 -11.05 -16.68
C GLN B 239 -18.50 -10.86 -18.19
N THR B 240 -17.83 -11.64 -19.01
CA THR B 240 -17.91 -11.42 -20.49
C THR B 240 -19.23 -11.99 -21.03
N ARG B 241 -19.94 -12.88 -20.33
CA ARG B 241 -21.15 -13.56 -20.89
C ARG B 241 -22.44 -13.11 -20.20
N GLU B 242 -23.53 -13.80 -20.53
CA GLU B 242 -24.91 -13.43 -20.13
C GLU B 242 -25.03 -13.48 -18.61
N ASN B 243 -24.49 -14.52 -18.01
CA ASN B 243 -24.45 -14.73 -16.54
C ASN B 243 -23.00 -14.58 -16.08
N VAL B 244 -22.81 -14.11 -14.83
CA VAL B 244 -21.47 -13.98 -14.22
C VAL B 244 -21.02 -15.39 -13.85
N LEU B 245 -19.76 -15.72 -14.09
CA LEU B 245 -19.17 -17.03 -13.73
C LEU B 245 -18.16 -16.78 -12.60
N VAL B 246 -18.30 -17.50 -11.49
CA VAL B 246 -17.35 -17.42 -10.34
C VAL B 246 -16.70 -18.78 -10.15
N GLU B 247 -15.37 -18.84 -10.22
CA GLU B 247 -14.64 -20.10 -10.01
C GLU B 247 -13.89 -20.10 -8.66
N THR B 248 -13.87 -21.25 -8.01
CA THR B 248 -13.13 -21.49 -6.75
C THR B 248 -11.85 -22.31 -6.96
N LEU B 249 -10.98 -22.27 -5.96
CA LEU B 249 -9.65 -22.90 -6.04
C LEU B 249 -9.83 -24.43 -6.10
N ASN B 250 -10.90 -24.97 -5.51
CA ASN B 250 -11.19 -26.43 -5.52
C ASN B 250 -12.01 -26.81 -6.75
N HIS B 251 -11.95 -26.03 -7.84
CA HIS B 251 -12.40 -26.44 -9.19
C HIS B 251 -13.93 -26.55 -9.25
N GLU B 252 -14.66 -25.62 -8.66
CA GLU B 252 -16.13 -25.51 -8.77
C GLU B 252 -16.45 -24.23 -9.50
N MET B 253 -17.54 -24.25 -10.26
CA MET B 253 -18.01 -23.09 -11.04
C MET B 253 -19.42 -22.73 -10.57
N TYR B 254 -19.66 -21.45 -10.32
CA TYR B 254 -20.95 -20.89 -9.88
C TYR B 254 -21.35 -19.89 -10.94
N GLU B 255 -22.64 -19.90 -11.31
CA GLU B 255 -23.24 -18.98 -12.29
C GLU B 255 -24.31 -18.17 -11.59
N ALA B 256 -24.28 -16.86 -11.75
CA ALA B 256 -25.24 -15.94 -11.11
C ALA B 256 -25.55 -14.73 -11.99
N LYS B 257 -26.60 -14.01 -11.62
CA LYS B 257 -27.01 -12.76 -12.27
C LYS B 257 -26.09 -11.64 -11.75
N TYR B 258 -25.75 -11.67 -10.46
CA TYR B 258 -24.94 -10.60 -9.80
C TYR B 258 -24.01 -11.24 -8.76
N VAL B 259 -22.97 -10.47 -8.39
CA VAL B 259 -21.98 -10.86 -7.36
C VAL B 259 -21.87 -9.73 -6.32
N ILE B 260 -21.76 -10.11 -5.05
CA ILE B 260 -21.36 -9.18 -3.97
C ILE B 260 -19.96 -9.58 -3.52
N SER B 261 -19.02 -8.64 -3.59
CA SER B 261 -17.66 -8.80 -3.04
C SER B 261 -17.68 -8.30 -1.59
N ALA B 262 -17.64 -9.22 -0.61
CA ALA B 262 -17.72 -8.85 0.81
C ALA B 262 -16.37 -9.14 1.50
N ILE B 263 -15.25 -8.80 0.85
CA ILE B 263 -13.89 -9.09 1.36
C ILE B 263 -13.20 -7.76 1.53
N PRO B 264 -12.18 -7.63 2.40
CA PRO B 264 -11.36 -6.41 2.45
C PRO B 264 -10.91 -6.02 1.07
N PRO B 265 -10.84 -4.72 0.74
CA PRO B 265 -10.55 -4.29 -0.62
C PRO B 265 -9.28 -4.90 -1.21
N THR B 266 -8.18 -4.93 -0.46
CA THR B 266 -6.90 -5.40 -1.04
C THR B 266 -6.99 -6.90 -1.38
N LEU B 267 -7.84 -7.66 -0.69
CA LEU B 267 -7.96 -9.11 -0.95
C LEU B 267 -8.70 -9.37 -2.28
N GLY B 268 -9.26 -8.34 -2.93
CA GLY B 268 -9.64 -8.41 -4.35
C GLY B 268 -8.48 -8.82 -5.23
N MET B 269 -7.25 -8.60 -4.79
CA MET B 269 -6.06 -8.94 -5.58
C MET B 269 -5.93 -10.46 -5.76
N LYS B 270 -6.56 -11.28 -4.90
CA LYS B 270 -6.43 -12.75 -4.99
C LYS B 270 -7.37 -13.34 -6.07
N ILE B 271 -8.16 -12.50 -6.70
CA ILE B 271 -9.12 -12.85 -7.77
C ILE B 271 -8.56 -12.34 -9.12
N HIS B 272 -8.53 -13.22 -10.12
CA HIS B 272 -8.18 -12.86 -11.52
C HIS B 272 -9.48 -12.47 -12.23
N PHE B 273 -9.50 -11.30 -12.84
CA PHE B 273 -10.74 -10.73 -13.45
C PHE B 273 -10.70 -10.81 -14.97
N ASN B 274 -11.86 -11.17 -15.54
CA ASN B 274 -12.11 -11.11 -17.01
C ASN B 274 -13.44 -10.44 -17.24
N PRO B 275 -13.54 -9.27 -17.92
CA PRO B 275 -12.38 -8.52 -18.40
C PRO B 275 -11.60 -7.93 -17.22
N PRO B 276 -10.41 -7.36 -17.44
CA PRO B 276 -9.64 -6.76 -16.35
C PRO B 276 -10.47 -5.68 -15.67
N LEU B 277 -10.18 -5.41 -14.40
CA LEU B 277 -10.83 -4.29 -13.70
C LEU B 277 -10.49 -3.00 -14.40
N PRO B 278 -11.37 -1.98 -14.23
CA PRO B 278 -11.06 -0.63 -14.66
C PRO B 278 -9.78 -0.14 -13.97
N MET B 279 -9.02 0.74 -14.64
CA MET B 279 -7.71 1.25 -14.15
C MET B 279 -7.77 1.68 -12.69
N MET B 280 -8.72 2.52 -12.28
CA MET B 280 -8.66 3.10 -10.92
C MET B 280 -8.84 2.01 -9.86
N ARG B 281 -9.70 1.01 -10.06
CA ARG B 281 -9.82 -0.10 -9.08
C ARG B 281 -8.59 -1.00 -9.14
N ASN B 282 -8.05 -1.26 -10.34
CA ASN B 282 -6.84 -2.11 -10.52
C ASN B 282 -5.75 -1.58 -9.59
N GLN B 283 -5.50 -0.28 -9.60
CA GLN B 283 -4.46 0.33 -8.73
C GLN B 283 -4.94 0.46 -7.28
N MET B 284 -6.17 0.84 -7.01
CA MET B 284 -6.67 1.08 -5.63
C MET B 284 -6.40 -0.13 -4.74
N ILE B 285 -6.63 -1.36 -5.23
CA ILE B 285 -6.61 -2.58 -4.38
C ILE B 285 -5.14 -2.98 -4.05
N THR B 286 -4.13 -2.24 -4.59
CA THR B 286 -2.70 -2.37 -4.21
C THR B 286 -2.28 -1.30 -3.21
N ARG B 287 -3.16 -0.35 -2.85
CA ARG B 287 -2.77 0.86 -2.09
C ARG B 287 -3.40 0.89 -0.69
N VAL B 288 -4.07 -0.16 -0.24
CA VAL B 288 -5.01 -0.10 0.92
C VAL B 288 -4.72 -1.27 1.85
N PRO B 289 -3.64 -1.21 2.64
CA PRO B 289 -3.32 -2.27 3.57
C PRO B 289 -4.19 -2.30 4.82
N LEU B 290 -4.14 -3.41 5.55
CA LEU B 290 -4.77 -3.54 6.90
C LEU B 290 -3.73 -3.39 7.99
N GLY B 291 -4.19 -2.93 9.17
CA GLY B 291 -3.33 -2.75 10.35
C GLY B 291 -2.82 -4.05 10.94
N SER B 292 -2.06 -3.91 12.03
CA SER B 292 -1.30 -4.99 12.66
C SER B 292 -1.67 -5.04 14.13
N VAL B 293 -2.10 -6.20 14.63
CA VAL B 293 -2.47 -6.35 16.06
C VAL B 293 -2.37 -7.82 16.48
N ILE B 294 -1.98 -8.02 17.72
CA ILE B 294 -2.12 -9.30 18.46
C ILE B 294 -3.12 -9.04 19.57
N LYS B 295 -4.20 -9.80 19.60
CA LYS B 295 -5.16 -9.72 20.73
C LYS B 295 -4.82 -10.82 21.73
N CYS B 296 -4.64 -10.43 23.01
CA CYS B 296 -4.07 -11.31 24.05
C CYS B 296 -5.01 -11.28 25.25
N ILE B 297 -5.37 -12.45 25.76
CA ILE B 297 -6.29 -12.57 26.93
C ILE B 297 -5.60 -13.42 27.99
N VAL B 298 -5.30 -12.80 29.14
CA VAL B 298 -4.67 -13.44 30.32
C VAL B 298 -5.78 -13.72 31.35
N TYR B 299 -5.90 -14.99 31.77
CA TYR B 299 -6.91 -15.49 32.71
C TYR B 299 -6.31 -15.59 34.13
N TYR B 300 -7.14 -15.29 35.11
CA TYR B 300 -6.79 -15.35 36.55
C TYR B 300 -7.89 -16.06 37.34
N LYS B 301 -7.55 -16.48 38.57
CA LYS B 301 -8.52 -17.13 39.47
C LYS B 301 -9.66 -16.16 39.83
N GLU B 302 -9.41 -14.87 40.06
CA GLU B 302 -10.42 -13.87 40.46
C GLU B 302 -10.10 -12.55 39.75
N PRO B 303 -11.09 -11.65 39.60
CA PRO B 303 -10.85 -10.29 39.06
C PRO B 303 -10.27 -9.40 40.18
N PHE B 304 -9.03 -9.72 40.56
CA PHE B 304 -8.38 -9.20 41.79
C PHE B 304 -8.21 -7.69 41.74
N TRP B 305 -8.14 -7.09 40.55
CA TRP B 305 -8.01 -5.63 40.40
C TRP B 305 -9.19 -4.87 41.02
N ARG B 306 -10.40 -5.45 41.00
CA ARG B 306 -11.61 -4.83 41.53
C ARG B 306 -11.44 -4.57 43.03
N LYS B 307 -10.67 -5.37 43.73
CA LYS B 307 -10.46 -5.24 45.22
C LYS B 307 -9.67 -3.96 45.52
N LYS B 308 -8.91 -3.44 44.55
CA LYS B 308 -8.16 -2.17 44.70
C LYS B 308 -8.90 -1.02 44.06
N ASP B 309 -10.19 -1.16 43.74
CA ASP B 309 -11.01 -0.12 43.09
C ASP B 309 -10.41 0.24 41.70
N TYR B 310 -9.91 -0.76 40.99
CA TYR B 310 -9.56 -0.62 39.55
C TYR B 310 -10.53 -1.47 38.72
N CYS B 311 -11.01 -0.95 37.58
CA CYS B 311 -11.99 -1.68 36.73
C CYS B 311 -11.26 -2.67 35.79
N GLY B 312 -9.97 -2.50 35.54
CA GLY B 312 -9.20 -3.36 34.64
C GLY B 312 -8.80 -2.66 33.35
N THR B 313 -9.31 -1.46 33.11
CA THR B 313 -8.85 -0.61 32.00
C THR B 313 -7.49 0.00 32.37
N MET B 314 -6.52 -0.18 31.51
CA MET B 314 -5.19 0.42 31.62
C MET B 314 -4.84 1.11 30.30
N ILE B 315 -4.37 2.35 30.40
CA ILE B 315 -3.84 3.14 29.25
C ILE B 315 -2.36 3.35 29.56
N ILE B 316 -1.48 2.71 28.80
CA ILE B 316 -0.06 2.53 29.20
C ILE B 316 0.83 3.22 28.15
N ASP B 317 1.44 4.36 28.54
CA ASP B 317 2.27 5.15 27.60
C ASP B 317 3.61 4.45 27.36
N GLY B 318 4.23 4.76 26.24
CA GLY B 318 5.69 4.57 26.07
C GLY B 318 6.06 3.37 25.23
N GLU B 319 7.32 3.33 24.78
CA GLU B 319 7.82 2.29 23.84
C GLU B 319 8.00 0.93 24.53
N GLU B 320 8.42 0.88 25.77
CA GLU B 320 8.81 -0.37 26.48
C GLU B 320 7.60 -1.29 26.69
N ALA B 321 6.41 -0.75 27.02
CA ALA B 321 5.22 -1.58 27.32
C ALA B 321 4.80 -2.35 26.05
N PRO B 322 4.61 -3.67 26.10
CA PRO B 322 4.13 -4.40 24.92
C PRO B 322 2.68 -4.05 24.55
N VAL B 323 1.88 -3.77 25.57
CA VAL B 323 0.42 -3.52 25.49
C VAL B 323 0.16 -2.09 25.92
N ALA B 324 -0.51 -1.30 25.08
CA ALA B 324 -0.83 0.09 25.42
C ALA B 324 -2.22 0.25 26.00
N TYR B 325 -3.10 -0.77 25.86
CA TYR B 325 -4.52 -0.67 26.26
C TYR B 325 -5.03 -2.03 26.67
N THR B 326 -5.78 -2.03 27.78
CA THR B 326 -6.48 -3.24 28.30
C THR B 326 -7.90 -2.91 28.72
N LEU B 327 -8.75 -3.95 28.72
CA LEU B 327 -10.11 -3.93 29.31
C LEU B 327 -10.28 -5.20 30.13
N ASP B 328 -11.13 -5.14 31.14
CA ASP B 328 -11.58 -6.33 31.90
C ASP B 328 -12.37 -7.24 30.95
N ASP B 329 -12.00 -8.51 30.80
CA ASP B 329 -12.67 -9.50 29.92
C ASP B 329 -13.40 -10.56 30.77
N THR B 330 -13.61 -10.30 32.06
CA THR B 330 -14.36 -11.21 32.99
C THR B 330 -15.80 -11.41 32.45
N LYS B 331 -16.34 -12.60 32.63
CA LYS B 331 -17.73 -12.89 32.20
C LYS B 331 -18.70 -12.21 33.16
N PRO B 332 -19.95 -12.06 32.69
CA PRO B 332 -20.94 -11.28 33.43
C PRO B 332 -21.16 -11.83 34.83
N GLU B 333 -20.88 -13.13 35.08
CA GLU B 333 -21.17 -13.78 36.38
C GLU B 333 -19.99 -13.54 37.34
N GLY B 334 -18.90 -12.96 36.84
CA GLY B 334 -17.75 -12.69 37.73
C GLY B 334 -16.76 -13.82 37.60
N ASN B 335 -17.02 -14.80 36.73
CA ASN B 335 -16.08 -15.94 36.60
C ASN B 335 -15.36 -15.80 35.28
N TYR B 336 -14.42 -16.70 35.09
CA TYR B 336 -13.42 -16.67 34.01
C TYR B 336 -12.75 -15.30 34.04
N ALA B 337 -12.29 -14.86 35.21
CA ALA B 337 -11.58 -13.55 35.34
C ALA B 337 -10.45 -13.41 34.30
N ALA B 338 -10.36 -12.26 33.64
CA ALA B 338 -9.41 -12.09 32.53
C ALA B 338 -9.19 -10.61 32.25
N ILE B 339 -7.98 -10.30 31.75
CA ILE B 339 -7.60 -9.00 31.16
C ILE B 339 -7.36 -9.19 29.65
N MET B 340 -8.04 -8.38 28.82
CA MET B 340 -7.77 -8.38 27.36
C MET B 340 -6.79 -7.22 27.05
N GLY B 341 -5.73 -7.47 26.31
CA GLY B 341 -4.82 -6.39 25.88
C GLY B 341 -4.51 -6.47 24.42
N PHE B 342 -4.21 -5.33 23.81
CA PHE B 342 -3.78 -5.27 22.40
C PHE B 342 -2.29 -4.96 22.30
N ILE B 343 -1.57 -5.75 21.50
CA ILE B 343 -0.18 -5.42 21.08
C ILE B 343 -0.32 -4.78 19.71
N LEU B 344 0.00 -3.49 19.61
CA LEU B 344 -0.41 -2.63 18.43
C LEU B 344 0.71 -2.35 17.43
N ALA B 345 0.36 -2.32 16.15
CA ALA B 345 1.19 -1.68 15.08
C ALA B 345 2.63 -2.24 15.12
N HIS B 346 3.69 -1.42 15.22
CA HIS B 346 5.08 -1.95 15.13
C HIS B 346 5.35 -2.99 16.23
N LYS B 347 4.66 -2.91 17.39
CA LYS B 347 4.94 -3.87 18.48
C LYS B 347 4.41 -5.24 18.09
N ALA B 348 3.36 -5.32 17.29
CA ALA B 348 2.83 -6.62 16.84
C ALA B 348 3.93 -7.27 15.98
N ARG B 349 4.64 -6.50 15.16
CA ARG B 349 5.67 -7.05 14.24
C ARG B 349 6.90 -7.40 15.07
N LYS B 350 7.27 -6.55 16.03
CA LYS B 350 8.48 -6.79 16.85
C LYS B 350 8.29 -8.04 17.74
N LEU B 351 7.15 -8.18 18.41
CA LEU B 351 6.98 -9.20 19.46
C LEU B 351 6.47 -10.53 18.87
N ALA B 352 6.11 -10.58 17.59
CA ALA B 352 5.64 -11.82 16.94
C ALA B 352 6.79 -12.86 16.92
N ARG B 353 8.03 -12.45 17.02
CA ARG B 353 9.19 -13.40 16.94
C ARG B 353 9.33 -14.22 18.25
N LEU B 354 8.72 -13.74 19.34
CA LEU B 354 8.74 -14.43 20.65
C LEU B 354 7.86 -15.68 20.62
N THR B 355 8.02 -16.57 21.59
CA THR B 355 7.07 -17.67 21.83
C THR B 355 5.83 -17.11 22.54
N LYS B 356 4.76 -17.89 22.51
CA LYS B 356 3.51 -17.65 23.26
C LYS B 356 3.83 -17.52 24.77
N GLU B 357 4.71 -18.35 25.30
CA GLU B 357 5.07 -18.32 26.74
C GLU B 357 5.88 -17.05 27.06
N GLU B 358 6.75 -16.61 26.17
CA GLU B 358 7.52 -15.37 26.35
C GLU B 358 6.60 -14.12 26.35
N ARG B 359 5.62 -14.04 25.45
CA ARG B 359 4.63 -12.94 25.45
C ARG B 359 3.84 -13.00 26.75
N LEU B 360 3.38 -14.17 27.21
CA LEU B 360 2.60 -14.26 28.50
C LEU B 360 3.40 -13.66 29.66
N LYS B 361 4.68 -14.02 29.77
CA LYS B 361 5.56 -13.50 30.87
C LYS B 361 5.67 -11.96 30.78
N LYS B 362 5.89 -11.39 29.59
CA LYS B 362 6.00 -9.91 29.41
C LYS B 362 4.69 -9.25 29.81
N LEU B 363 3.54 -9.80 29.41
CA LEU B 363 2.24 -9.20 29.75
C LEU B 363 2.00 -9.28 31.26
N CYS B 364 2.26 -10.43 31.90
CA CYS B 364 2.00 -10.60 33.35
C CYS B 364 2.89 -9.63 34.16
N GLU B 365 4.14 -9.45 33.77
CA GLU B 365 5.08 -8.50 34.48
C GLU B 365 4.64 -7.06 34.27
N LEU B 366 4.16 -6.71 33.08
CA LEU B 366 3.59 -5.37 32.85
C LEU B 366 2.36 -5.13 33.73
N TYR B 367 1.42 -6.04 33.74
CA TYR B 367 0.17 -5.90 34.50
C TYR B 367 0.46 -5.82 36.00
N ALA B 368 1.43 -6.58 36.50
CA ALA B 368 1.81 -6.54 37.93
C ALA B 368 2.29 -5.12 38.27
N LYS B 369 3.08 -4.50 37.40
CA LYS B 369 3.56 -3.13 37.62
C LYS B 369 2.38 -2.16 37.61
N VAL B 370 1.55 -2.24 36.58
CA VAL B 370 0.53 -1.19 36.39
C VAL B 370 -0.59 -1.32 37.46
N LEU B 371 -1.02 -2.53 37.75
CA LEU B 371 -2.09 -2.81 38.76
C LEU B 371 -1.51 -2.85 40.17
N GLY B 372 -0.18 -2.80 40.32
CA GLY B 372 0.52 -2.87 41.61
C GLY B 372 0.10 -4.10 42.38
N SER B 373 0.13 -5.26 41.73
CA SER B 373 -0.36 -6.52 42.33
C SER B 373 0.51 -7.70 41.91
N LEU B 374 1.03 -8.47 42.88
CA LEU B 374 1.72 -9.73 42.57
C LEU B 374 0.77 -10.78 42.00
N GLU B 375 -0.52 -10.65 42.23
CA GLU B 375 -1.54 -11.61 41.71
C GLU B 375 -1.44 -11.68 40.19
N ALA B 376 -1.00 -10.63 39.52
CA ALA B 376 -0.88 -10.60 38.04
C ALA B 376 0.18 -11.58 37.54
N LEU B 377 1.09 -12.05 38.42
CA LEU B 377 2.18 -12.98 38.01
C LEU B 377 1.70 -14.43 38.09
N GLU B 378 0.44 -14.69 38.43
CA GLU B 378 -0.10 -16.07 38.58
C GLU B 378 -1.25 -16.35 37.63
N PRO B 379 -1.03 -16.26 36.30
CA PRO B 379 -2.11 -16.55 35.34
C PRO B 379 -2.51 -18.04 35.42
N VAL B 380 -3.77 -18.36 35.11
CA VAL B 380 -4.29 -19.75 35.09
C VAL B 380 -4.42 -20.21 33.65
N HIS B 381 -4.43 -19.31 32.67
CA HIS B 381 -4.62 -19.66 31.25
C HIS B 381 -4.27 -18.46 30.37
N TYR B 382 -4.03 -18.68 29.09
CA TYR B 382 -3.68 -17.62 28.10
C TYR B 382 -4.23 -17.98 26.72
N GLU B 383 -4.82 -17.03 26.01
CA GLU B 383 -5.21 -17.19 24.59
C GLU B 383 -4.75 -15.93 23.84
N GLU B 384 -4.33 -16.09 22.60
CA GLU B 384 -3.89 -14.96 21.77
C GLU B 384 -4.15 -15.26 20.30
N LYS B 385 -4.23 -14.20 19.52
CA LYS B 385 -4.32 -14.33 18.04
C LYS B 385 -3.59 -13.18 17.39
N ASN B 386 -2.65 -13.51 16.54
CA ASN B 386 -1.92 -12.55 15.68
C ASN B 386 -2.63 -12.46 14.33
N TRP B 387 -3.36 -11.37 14.07
CA TRP B 387 -4.13 -11.21 12.83
C TRP B 387 -3.22 -10.91 11.62
N CYS B 388 -1.96 -10.57 11.82
CA CYS B 388 -1.00 -10.27 10.73
C CYS B 388 -0.74 -11.54 9.91
N GLU B 389 -0.95 -12.71 10.50
CA GLU B 389 -0.67 -14.03 9.90
C GLU B 389 -1.76 -14.49 8.92
N GLU B 390 -2.94 -13.85 8.89
CA GLU B 390 -4.13 -14.42 8.20
C GLU B 390 -4.09 -14.09 6.70
N GLN B 391 -3.95 -15.12 5.87
CA GLN B 391 -4.01 -14.95 4.39
C GLN B 391 -5.36 -14.32 3.94
N TYR B 392 -6.47 -14.69 4.54
CA TYR B 392 -7.79 -14.23 4.08
C TYR B 392 -8.35 -13.10 4.97
N SER B 393 -7.52 -12.43 5.78
CA SER B 393 -7.87 -11.11 6.35
C SER B 393 -6.85 -10.04 5.90
N GLY B 394 -5.57 -10.32 6.08
CA GLY B 394 -4.48 -9.35 5.77
C GLY B 394 -4.05 -8.51 6.97
N GLY B 395 -4.81 -8.56 8.07
CA GLY B 395 -4.54 -7.84 9.33
C GLY B 395 -5.86 -7.52 10.05
N CYS B 396 -5.82 -6.61 11.01
CA CYS B 396 -6.99 -6.14 11.80
C CYS B 396 -6.60 -4.81 12.40
N TYR B 397 -7.59 -4.00 12.83
CA TYR B 397 -9.00 -4.29 12.71
C TYR B 397 -9.48 -4.09 11.28
N THR B 398 -8.87 -3.15 10.54
CA THR B 398 -9.45 -2.71 9.25
C THR B 398 -8.37 -2.14 8.31
N THR B 399 -8.82 -1.70 7.15
CA THR B 399 -8.00 -1.04 6.11
C THR B 399 -7.68 0.40 6.54
N TYR B 400 -6.41 0.80 6.42
CA TYR B 400 -5.98 2.20 6.54
C TYR B 400 -5.54 2.73 5.17
N PHE B 401 -5.64 4.07 5.04
CA PHE B 401 -5.24 4.80 3.82
C PHE B 401 -3.96 5.57 4.10
N PRO B 402 -2.83 5.22 3.44
CA PRO B 402 -1.63 6.04 3.48
C PRO B 402 -1.84 7.40 2.81
N PRO B 403 -0.90 8.36 3.00
CA PRO B 403 -1.04 9.69 2.44
C PRO B 403 -1.22 9.67 0.92
N GLY B 404 -2.20 10.45 0.47
CA GLY B 404 -2.54 10.73 -0.92
C GLY B 404 -3.54 9.77 -1.53
N ILE B 405 -3.93 8.67 -0.85
CA ILE B 405 -4.70 7.60 -1.53
C ILE B 405 -6.20 7.91 -1.48
N LEU B 406 -6.73 8.41 -0.37
CA LEU B 406 -8.20 8.58 -0.22
C LEU B 406 -8.72 9.57 -1.24
N THR B 407 -8.01 10.68 -1.52
CA THR B 407 -8.49 11.71 -2.46
C THR B 407 -8.36 11.16 -3.90
N GLN B 408 -7.35 10.36 -4.21
CA GLN B 408 -7.11 9.86 -5.59
C GLN B 408 -7.99 8.65 -5.91
N TYR B 409 -8.30 7.78 -4.93
CA TYR B 409 -8.91 6.44 -5.19
C TYR B 409 -10.16 6.22 -4.34
N GLY B 410 -10.50 7.10 -3.41
CA GLY B 410 -11.59 6.78 -2.45
C GLY B 410 -12.95 6.62 -3.10
N ARG B 411 -13.20 7.37 -4.15
CA ARG B 411 -14.49 7.33 -4.91
C ARG B 411 -14.73 5.94 -5.46
N VAL B 412 -13.67 5.14 -5.73
CA VAL B 412 -13.86 3.83 -6.42
C VAL B 412 -14.29 2.76 -5.39
N LEU B 413 -14.16 2.97 -4.07
CA LEU B 413 -14.35 1.81 -3.15
C LEU B 413 -15.72 1.15 -3.31
N ARG B 414 -16.79 1.91 -3.43
CA ARG B 414 -18.07 1.18 -3.55
C ARG B 414 -18.70 1.35 -4.93
N GLN B 415 -17.92 1.77 -5.94
CA GLN B 415 -18.47 1.88 -7.30
C GLN B 415 -18.66 0.48 -7.88
N PRO B 416 -19.87 0.08 -8.33
CA PRO B 416 -20.02 -1.22 -8.97
C PRO B 416 -19.14 -1.38 -10.23
N VAL B 417 -18.69 -2.61 -10.50
CA VAL B 417 -17.95 -3.00 -11.72
C VAL B 417 -18.86 -3.97 -12.49
N ASP B 418 -19.64 -3.44 -13.41
CA ASP B 418 -20.66 -4.18 -14.21
C ASP B 418 -21.68 -4.79 -13.24
N ARG B 419 -21.62 -6.09 -12.97
CA ARG B 419 -22.60 -6.79 -12.08
C ARG B 419 -21.96 -7.23 -10.75
N ILE B 420 -20.80 -6.68 -10.40
CA ILE B 420 -20.18 -6.84 -9.05
C ILE B 420 -20.44 -5.58 -8.23
N TYR B 421 -21.02 -5.77 -7.05
CA TYR B 421 -21.31 -4.73 -6.05
C TYR B 421 -20.41 -4.98 -4.84
N PHE B 422 -20.08 -3.96 -4.10
CA PHE B 422 -19.02 -4.03 -3.05
C PHE B 422 -19.60 -3.79 -1.66
N ALA B 423 -19.45 -4.79 -0.80
CA ALA B 423 -19.82 -4.76 0.62
C ALA B 423 -18.52 -4.75 1.42
N GLY B 424 -18.54 -5.22 2.66
CA GLY B 424 -17.36 -5.11 3.54
C GLY B 424 -17.37 -3.85 4.36
N THR B 425 -16.89 -3.92 5.60
CA THR B 425 -17.01 -2.76 6.55
C THR B 425 -16.29 -1.53 5.98
N GLU B 426 -15.25 -1.71 5.15
CA GLU B 426 -14.46 -0.58 4.54
C GLU B 426 -15.34 0.32 3.68
N THR B 427 -16.49 -0.18 3.18
CA THR B 427 -17.42 0.56 2.32
C THR B 427 -18.54 1.24 3.11
N ALA B 428 -18.61 1.12 4.44
CA ALA B 428 -19.68 1.76 5.23
C ALA B 428 -19.41 3.26 5.40
N THR B 429 -20.45 3.98 5.82
CA THR B 429 -20.37 5.45 6.10
C THR B 429 -20.58 5.79 7.59
N HIS B 430 -20.87 4.81 8.44
CA HIS B 430 -21.05 4.95 9.91
C HIS B 430 -20.43 3.71 10.56
N TRP B 431 -19.46 3.89 11.44
CA TRP B 431 -18.68 2.80 12.05
C TRP B 431 -18.09 1.86 11.01
N SER B 432 -17.66 2.42 9.87
CA SER B 432 -16.71 1.71 8.97
C SER B 432 -15.51 1.26 9.83
N GLY B 433 -15.10 0.03 9.67
CA GLY B 433 -14.01 -0.58 10.47
C GLY B 433 -14.55 -1.59 11.49
N TYR B 434 -15.82 -1.48 11.83
CA TYR B 434 -16.52 -2.21 12.92
C TYR B 434 -17.52 -3.21 12.34
N MET B 435 -17.97 -4.10 13.20
CA MET B 435 -19.12 -5.01 12.91
C MET B 435 -20.36 -4.22 12.50
N GLU B 436 -20.64 -3.06 13.12
CA GLU B 436 -21.75 -2.20 12.67
C GLU B 436 -21.61 -1.85 11.16
N GLY B 437 -20.42 -1.36 10.76
CA GLY B 437 -20.20 -1.01 9.35
C GLY B 437 -20.32 -2.23 8.44
N ALA B 438 -19.91 -3.41 8.88
CA ALA B 438 -20.07 -4.64 8.08
C ALA B 438 -21.57 -4.82 7.72
N VAL B 439 -22.46 -4.68 8.70
CA VAL B 439 -23.94 -4.87 8.51
C VAL B 439 -24.44 -3.77 7.57
N GLU B 440 -24.10 -2.50 7.81
CA GLU B 440 -24.55 -1.38 6.95
C GLU B 440 -24.16 -1.69 5.50
N ALA B 441 -22.92 -2.07 5.24
CA ALA B 441 -22.43 -2.24 3.85
C ALA B 441 -23.07 -3.46 3.18
N GLY B 442 -23.24 -4.57 3.91
CA GLY B 442 -23.76 -5.81 3.32
C GLY B 442 -25.22 -5.57 2.89
N GLU B 443 -25.97 -4.91 3.74
CA GLU B 443 -27.41 -4.64 3.51
C GLU B 443 -27.54 -3.61 2.39
N ARG B 444 -26.67 -2.61 2.31
CA ARG B 444 -26.73 -1.61 1.20
C ARG B 444 -26.37 -2.28 -0.12
N ALA B 445 -25.32 -3.10 -0.19
CA ALA B 445 -24.91 -3.81 -1.42
C ALA B 445 -26.06 -4.71 -1.88
N ALA B 446 -26.68 -5.44 -0.95
CA ALA B 446 -27.84 -6.30 -1.30
C ALA B 446 -28.98 -5.44 -1.90
N ARG B 447 -29.30 -4.29 -1.31
CA ARG B 447 -30.40 -3.43 -1.82
C ARG B 447 -30.01 -2.76 -3.14
N GLU B 448 -28.72 -2.49 -3.43
CA GLU B 448 -28.29 -2.07 -4.79
C GLU B 448 -28.69 -3.13 -5.82
N ILE B 449 -28.50 -4.41 -5.53
CA ILE B 449 -28.90 -5.51 -6.45
C ILE B 449 -30.44 -5.56 -6.56
N LEU B 450 -31.17 -5.43 -5.46
CA LEU B 450 -32.67 -5.48 -5.55
C LEU B 450 -33.14 -4.34 -6.46
N HIS B 451 -32.51 -3.18 -6.38
CA HIS B 451 -32.83 -2.02 -7.24
C HIS B 451 -32.46 -2.33 -8.70
N ALA B 452 -31.27 -2.88 -8.96
CA ALA B 452 -30.86 -3.26 -10.33
C ALA B 452 -31.90 -4.24 -10.94
N MET B 453 -32.48 -5.12 -10.14
CA MET B 453 -33.52 -6.11 -10.54
C MET B 453 -34.92 -5.46 -10.68
N GLY B 454 -35.08 -4.18 -10.37
CA GLY B 454 -36.37 -3.46 -10.43
C GLY B 454 -37.31 -3.86 -9.29
N LYS B 455 -36.82 -4.45 -8.20
CA LYS B 455 -37.63 -4.87 -7.05
C LYS B 455 -37.90 -3.74 -6.05
N ILE B 456 -37.03 -2.74 -5.90
CA ILE B 456 -37.25 -1.60 -4.98
C ILE B 456 -36.83 -0.34 -5.69
N PRO B 457 -37.34 0.84 -5.29
CA PRO B 457 -36.94 2.09 -5.88
C PRO B 457 -35.59 2.56 -5.34
N GLU B 458 -35.00 3.50 -6.05
CA GLU B 458 -33.64 4.03 -5.75
C GLU B 458 -33.56 4.57 -4.31
N ASP B 459 -34.63 5.19 -3.82
CA ASP B 459 -34.60 5.83 -2.48
C ASP B 459 -34.58 4.80 -1.36
N GLU B 460 -34.70 3.50 -1.61
CA GLU B 460 -34.68 2.46 -0.55
C GLU B 460 -33.29 1.77 -0.47
N ILE B 461 -32.33 2.17 -1.30
CA ILE B 461 -30.97 1.55 -1.28
C ILE B 461 -30.32 1.87 0.06
N TRP B 462 -30.37 3.13 0.50
CA TRP B 462 -29.80 3.55 1.79
C TRP B 462 -30.94 3.71 2.77
N GLN B 463 -30.96 2.97 3.87
CA GLN B 463 -32.10 2.95 4.83
C GLN B 463 -31.58 3.32 6.23
N SER B 464 -32.26 4.22 6.91
CA SER B 464 -31.98 4.57 8.32
C SER B 464 -32.33 3.38 9.23
N GLU B 465 -31.83 3.40 10.45
CA GLU B 465 -32.04 2.30 11.44
C GLU B 465 -32.62 2.90 12.70
N PRO B 466 -33.75 2.40 13.22
CA PRO B 466 -34.27 2.88 14.50
C PRO B 466 -33.29 2.61 15.64
N GLU B 467 -33.31 3.48 16.65
CA GLU B 467 -32.40 3.37 17.82
C GLU B 467 -32.75 2.10 18.61
N SER B 468 -31.74 1.32 19.04
CA SER B 468 -31.94 0.14 19.92
C SER B 468 -32.67 0.56 21.21
N VAL B 469 -33.66 -0.23 21.64
CA VAL B 469 -34.31 0.00 22.97
C VAL B 469 -33.39 -0.53 24.08
N ASP B 470 -32.56 -1.52 23.84
CA ASP B 470 -31.73 -2.18 24.87
C ASP B 470 -30.46 -1.36 25.14
N VAL B 471 -29.98 -0.62 24.14
CA VAL B 471 -28.67 0.09 24.21
C VAL B 471 -28.88 1.50 23.69
N PRO B 472 -29.65 2.34 24.41
CA PRO B 472 -29.91 3.70 23.95
C PRO B 472 -28.63 4.55 24.08
N ALA B 473 -28.51 5.53 23.20
CA ALA B 473 -27.36 6.47 23.23
C ALA B 473 -27.72 7.69 24.08
N GLN B 474 -26.83 8.12 24.97
CA GLN B 474 -26.89 9.41 25.66
C GLN B 474 -26.12 10.43 24.83
N PRO B 475 -26.55 11.70 24.87
CA PRO B 475 -25.84 12.76 24.13
C PRO B 475 -24.37 12.92 24.56
N ILE B 476 -23.50 13.29 23.61
CA ILE B 476 -22.09 13.69 23.90
C ILE B 476 -22.14 15.16 24.30
N THR B 477 -21.57 15.53 25.43
CA THR B 477 -21.61 16.93 25.90
C THR B 477 -20.19 17.45 26.06
N THR B 478 -20.06 18.78 26.06
CA THR B 478 -18.81 19.51 26.38
C THR B 478 -19.11 20.62 27.41
N THR B 479 -18.11 21.11 28.12
CA THR B 479 -18.27 22.25 29.09
C THR B 479 -17.92 23.55 28.39
N PHE B 480 -18.37 24.67 28.96
CA PHE B 480 -18.00 26.03 28.54
C PHE B 480 -16.47 26.14 28.42
N LEU B 481 -15.73 25.70 29.43
CA LEU B 481 -14.25 25.83 29.45
C LEU B 481 -13.63 24.95 28.35
N GLU B 482 -14.11 23.73 28.14
CA GLU B 482 -13.59 22.86 27.06
C GLU B 482 -13.77 23.57 25.71
N ARG B 483 -14.89 24.29 25.51
CA ARG B 483 -15.21 24.91 24.19
C ARG B 483 -14.35 26.17 24.01
N HIS B 484 -14.03 26.91 25.08
CA HIS B 484 -13.50 28.31 24.97
C HIS B 484 -12.05 28.48 25.49
N LEU B 485 -11.46 27.55 26.23
CA LEU B 485 -10.06 27.73 26.66
C LEU B 485 -9.18 27.84 25.43
N PRO B 486 -8.16 28.71 25.47
CA PRO B 486 -7.24 28.86 24.36
C PRO B 486 -6.32 27.64 24.20
N SER B 487 -5.79 27.47 23.00
CA SER B 487 -4.64 26.60 22.69
C SER B 487 -3.37 27.19 23.33
N VAL B 488 -2.25 26.47 23.29
CA VAL B 488 -0.95 27.01 23.78
C VAL B 488 -0.56 28.21 22.90
N PRO B 489 -0.55 28.13 21.54
CA PRO B 489 -0.19 29.32 20.75
C PRO B 489 -1.23 30.44 20.90
N GLY B 490 -2.49 30.09 21.14
CA GLY B 490 -3.57 31.00 21.57
C GLY B 490 -3.19 31.81 22.81
N LEU B 491 -2.73 31.15 23.88
CA LEU B 491 -2.33 31.80 25.15
C LEU B 491 -1.11 32.69 24.89
N LEU B 492 -0.19 32.28 24.00
CA LEU B 492 1.02 33.07 23.63
C LEU B 492 0.60 34.32 22.83
N ARG B 493 -0.30 34.22 21.83
CA ARG B 493 -0.81 35.37 21.02
C ARG B 493 -1.45 36.42 21.96
N LEU B 494 -2.10 36.00 23.05
CA LEU B 494 -2.60 36.88 24.14
C LEU B 494 -1.45 37.48 24.97
N ILE B 495 -0.18 37.27 24.61
CA ILE B 495 1.00 37.70 25.43
C ILE B 495 2.14 38.17 24.51
PA FAD C . 7.98 -7.58 -15.27
O1A FAD C . 6.84 -6.89 -14.58
O2A FAD C . 8.47 -6.97 -16.54
O5B FAD C . 7.69 -9.12 -15.56
C5B FAD C . 6.79 -9.81 -14.68
C4B FAD C . 6.05 -10.83 -15.56
O4B FAD C . 5.26 -11.69 -14.74
C3B FAD C . 5.16 -10.20 -16.62
O3B FAD C . 5.41 -10.71 -17.95
C2B FAD C . 3.74 -10.56 -16.10
O2B FAD C . 2.75 -10.74 -17.10
C1B FAD C . 3.97 -11.86 -15.35
N9A FAD C . 3.00 -12.20 -14.30
C8A FAD C . 2.40 -11.40 -13.34
N7A FAD C . 1.60 -12.14 -12.51
C5A FAD C . 1.73 -13.43 -12.92
C6A FAD C . 1.13 -14.62 -12.51
N6A FAD C . 0.30 -14.73 -11.47
N1A FAD C . 1.48 -15.76 -13.17
C2A FAD C . 2.33 -15.69 -14.22
N3A FAD C . 2.89 -14.57 -14.72
C4A FAD C . 2.60 -13.45 -14.01
N1 FAD C . 13.37 0.46 -17.15
C2 FAD C . 14.56 0.78 -17.84
O2 FAD C . 15.62 0.10 -17.63
N3 FAD C . 14.64 1.84 -18.73
C4 FAD C . 13.51 2.59 -18.99
O4 FAD C . 13.61 3.48 -19.87
C4X FAD C . 12.30 2.34 -18.27
N5 FAD C . 11.18 3.11 -18.44
C5X FAD C . 9.94 2.57 -18.17
C6 FAD C . 8.80 3.13 -18.70
C7 FAD C . 7.57 2.55 -18.54
C7M FAD C . 6.37 3.25 -19.13
C8 FAD C . 7.49 1.30 -17.91
C8M FAD C . 6.26 0.40 -17.80
C9 FAD C . 8.65 0.73 -17.37
C9A FAD C . 9.90 1.31 -17.52
N10 FAD C . 11.05 0.83 -16.92
C10 FAD C . 12.22 1.23 -17.43
C1' FAD C . 11.07 -0.29 -15.96
C2' FAD C . 11.27 -1.67 -16.57
O2' FAD C . 10.37 -1.89 -17.69
C3' FAD C . 11.15 -2.75 -15.52
O3' FAD C . 12.07 -2.49 -14.46
C4' FAD C . 11.47 -4.20 -15.94
O4' FAD C . 10.92 -4.49 -17.23
C5' FAD C . 10.92 -5.18 -14.90
O5' FAD C . 11.25 -6.55 -15.29
P FAD C . 10.76 -7.70 -14.31
O1P FAD C . 11.05 -8.96 -15.05
O2P FAD C . 11.28 -7.54 -12.93
O3P FAD C . 9.15 -7.51 -14.15
C1 C15 D . 13.41 23.92 8.56
C2 C15 D . 13.48 24.88 7.39
C3 C15 D . 12.10 25.19 6.84
N1 C15 D . 12.05 26.25 5.75
C1N C15 D . 12.94 25.84 4.61
C2N C15 D . 10.65 26.31 5.28
C12 C15 D . 12.56 31.14 9.95
C13 C15 D . 11.74 30.14 9.15
C14 C15 D . 12.38 29.55 7.89
C15 C15 D . 11.82 28.18 7.48
C16 C15 D . 12.51 27.62 6.25
S1 C15 D . 14.80 24.09 9.65
O1S C15 D . 14.83 22.89 10.44
O2S C15 D . 14.64 25.35 10.34
O3S C15 D . 16.04 24.16 8.70
C1 A1JCO E . 15.26 13.03 -14.16
C2 A1JCO E . 15.59 14.34 -14.62
F1 A1JCO E . 15.17 17.64 -12.12
C7 A1JCO E . 15.96 17.84 -13.26
F2 A1JCO E . 15.60 18.88 -13.91
F3 A1JCO E . 17.10 18.11 -12.86
C6 A1JCO E . 15.94 16.69 -14.15
C8 A1JCO E . 15.59 15.43 -13.73
C5 A1JCO E . 16.35 16.89 -15.49
C4 A1JCO E . 16.39 15.81 -16.39
C3 A1JCO E . 16.00 14.56 -15.96
O1 A1JCO E . 15.09 12.80 -12.97
C9 A1JCO E . 14.99 11.88 -15.11
C10 A1JCO E . 14.73 10.63 -14.62
C11 A1JCO E . 14.32 9.51 -15.38
C12 A1JCO E . 13.88 9.61 -16.72
C13 A1JCO E . 13.39 8.42 -17.32
C14 A1JCO E . 13.29 7.24 -16.62
N1 A1JCO E . 12.81 6.06 -17.21
O3 A1JCO E . 12.78 4.93 -16.45
O2 A1JCO E . 12.51 6.08 -18.47
C15 A1JCO E . 13.74 7.18 -15.31
C16 A1JCO E . 14.20 8.31 -14.69
PA FAD F . -14.34 -10.01 7.15
O1A FAD F . -12.87 -9.83 6.81
O2A FAD F . -14.73 -10.39 8.52
O5B FAD F . -14.99 -11.13 6.18
C5B FAD F . -14.45 -11.40 4.90
C4B FAD F . -14.57 -12.89 4.62
O4B FAD F . -14.14 -13.13 3.28
C3B FAD F . -13.73 -13.80 5.51
O3B FAD F . -14.52 -14.82 6.16
C2B FAD F . -12.69 -14.29 4.57
O2B FAD F . -12.17 -15.60 4.95
C1B FAD F . -13.35 -14.31 3.23
N9A FAD F . -12.49 -14.28 2.02
C8A FAD F . -11.35 -13.54 1.75
N7A FAD F . -10.90 -13.72 0.52
C5A FAD F . -11.78 -14.65 -0.03
C6A FAD F . -11.86 -15.23 -1.27
N6A FAD F . -10.93 -15.02 -2.24
N1A FAD F . -12.85 -16.10 -1.55
C2A FAD F . -13.82 -16.36 -0.62
N3A FAD F . -13.79 -15.83 0.61
C4A FAD F . -12.77 -14.94 0.90
N1 FAD F . -15.05 -4.53 15.35
C2 FAD F . -16.02 -4.15 16.25
O2 FAD F . -17.18 -3.81 15.89
N3 FAD F . -15.69 -4.24 17.59
C4 FAD F . -14.45 -4.65 18.04
O4 FAD F . -14.27 -4.78 19.31
C4X FAD F . -13.46 -4.96 17.12
N5 FAD F . -12.20 -5.34 17.52
C5X FAD F . -11.37 -5.96 16.61
C6 FAD F . -10.23 -6.65 17.10
C7 FAD F . -9.52 -7.48 16.27
C7M FAD F . -8.28 -8.18 16.80
C8 FAD F . -9.92 -7.74 14.94
C8M FAD F . -9.32 -8.76 14.01
C9 FAD F . -11.05 -7.08 14.45
C9A FAD F . -11.82 -6.14 15.26
N10 FAD F . -12.89 -5.40 14.83
C10 FAD F . -13.78 -4.94 15.75
C1' FAD F . -13.24 -5.32 13.38
C2' FAD F . -14.34 -6.28 12.91
O2' FAD F . -13.99 -7.64 13.30
C3' FAD F . -14.53 -6.12 11.40
O3' FAD F . -14.89 -4.76 11.07
C4' FAD F . -15.60 -6.99 10.78
O4' FAD F . -15.55 -8.31 11.33
C5' FAD F . -15.44 -6.97 9.25
O5' FAD F . -16.45 -7.81 8.66
P FAD F . -16.50 -7.98 7.07
O1P FAD F . -17.58 -8.98 6.80
O2P FAD F . -16.46 -6.68 6.38
O3P FAD F . -15.04 -8.63 6.71
C1 C15 G . 3.44 24.64 14.63
C2 C15 G . 4.11 24.65 15.99
C3 C15 G . 5.30 23.72 15.99
N1 C15 G . 5.69 23.15 17.32
C1N C15 G . 4.48 22.56 18.03
C2N C15 G . 6.67 22.08 17.09
C16 C15 G . 6.30 24.24 18.18
S1 C15 G . 3.35 26.22 13.86
O1S C15 G . 3.40 25.94 12.45
O2S C15 G . 4.36 27.08 14.44
O3S C15 G . 1.95 26.77 14.32
C1 A1JCO H . -9.20 4.80 22.42
C2 A1JCO H . -8.94 5.30 23.72
F1 A1JCO H . -6.17 8.25 24.14
C7 A1JCO H . -6.80 7.97 25.29
F2 A1JCO H . -5.97 7.70 26.16
F3 A1JCO H . -7.49 9.00 25.66
C6 A1JCO H . -7.71 6.84 25.12
C8 A1JCO H . -8.04 6.33 23.88
C5 A1JCO H . -8.35 6.36 26.25
C4 A1JCO H . -9.26 5.33 26.16
C3 A1JCO H . -9.53 4.76 24.88
O1 A1JCO H . -8.92 5.44 21.42
C9 A1JCO H . -9.95 3.45 22.23
C10 A1JCO H . -10.25 2.98 21.01
C11 A1JCO H . -10.68 1.66 20.69
C12 A1JCO H . -10.64 0.59 21.56
C13 A1JCO H . -11.00 -0.70 21.06
C14 A1JCO H . -11.33 -0.88 19.74
N1 A1JCO H . -11.66 -2.14 19.22
O3 A1JCO H . -12.08 -2.24 17.86
O2 A1JCO H . -11.63 -3.08 19.96
C15 A1JCO H . -11.31 0.16 18.85
C16 A1JCO H . -10.97 1.44 19.31
#